data_2HA2
#
_entry.id   2HA2
#
_cell.length_a   78.935
_cell.length_b   110.487
_cell.length_c   227.809
_cell.angle_alpha   90.00
_cell.angle_beta   90.00
_cell.angle_gamma   90.00
#
_symmetry.space_group_name_H-M   'P 21 21 21'
#
loop_
_entity.id
_entity.type
_entity.pdbx_description
1 polymer Acetylcholinesterase
2 branched 2-acetamido-2-deoxy-beta-D-glucopyranose-(1-4)-2-acetamido-2-deoxy-beta-D-glucopyranose
3 non-polymer alpha-L-fucopyranose
4 non-polymer 2-acetamido-2-deoxy-beta-D-glucopyranose
5 non-polymer "2,2'-[(1,4-DIOXOBUTANE-1,4-DIYL)BIS(OXY)]BIS(N,N,N-TRIMETHYLETHANAMINIUM)"
6 non-polymer N,N,N-TRIMETHYL-2-[(4-OXOBUTANOYL)OXY]ETHANAMINIUM
7 non-polymer 'HEXAETHYLENE GLYCOL'
8 water water
#
_entity_poly.entity_id   1
_entity_poly.type   'polypeptide(L)'
_entity_poly.pdbx_seq_one_letter_code
;EGREDPQLLVRVRGGQLRGIRLKAPGGPVSAFLGIPFAEPPVGSRRFMPPEPKRPWSGVLDATTFQNVCYQYVDTLYPGF
EGTEMWNPNRELSEDCLYLNVWTPYPRPASPTPVLIWIYGGGFYSGAASLDVYDGRFLAQVEGAVLVSMNYRVGTFGFLA
LPGSREAPGNVGLLDQRLALQWVQENIAAFGGDPMSVTLFGESAGAASVGMHILSLPSRSLFHRAVLQSGTPNGPWATVS
AGEARRRATLLARLVGCPPGGAGGNDTELIACLRTRPAQDLVDHEWHVLPQESIFRFSFVPVVDGDFLSDTPEALINTGD
FQDLQVLVGVVKDEGSYFLVYGVPGFSKDNESLISRAQFLAGVRIGVPQASDLAAEAVVLHYTDWLHPEDPTHLRDAMSA
VVGDHNVVCPVAQLAGRLAAQGARVYAYIFEHRASTLTWPLWMGVPHGYEIEFIFGLPLDPSLNYTTEERIFAQRLMKYW
TNFARTGDPNDPRDSKSPQWPPYTTAAQQYVSLNLKPLEVRRGLRAQTCAFWNRFLPKLLSAT
;
_entity_poly.pdbx_strand_id   A,B
#
loop_
_chem_comp.id
_chem_comp.type
_chem_comp.name
_chem_comp.formula
FUC L-saccharide, alpha linking alpha-L-fucopyranose 'C6 H12 O5'
NAG D-saccharide, beta linking 2-acetamido-2-deoxy-beta-D-glucopyranose 'C8 H15 N O6'
P6G non-polymer 'HEXAETHYLENE GLYCOL' 'C12 H26 O7'
SCK non-polymer 2,2'-[(1,4-DIOXOBUTANE-1,4-DIYL)BIS(OXY)]BIS(N,N,N-TRIMETHYLETHANAMINIUM) 'C14 H30 N2 O4 2'
SCU non-polymer N,N,N-TRIMETHYL-2-[(4-OXOBUTANOYL)OXY]ETHANAMINIUM 'C9 H18 N O3 1'
#
# COMPACT_ATOMS: atom_id res chain seq x y z
N GLU A 1 7.20 69.07 -6.73
CA GLU A 1 6.23 68.52 -7.72
C GLU A 1 5.69 69.66 -8.57
N GLY A 2 4.88 69.30 -9.57
CA GLY A 2 4.22 70.27 -10.44
C GLY A 2 3.86 69.72 -11.80
N ARG A 3 4.85 69.10 -12.45
CA ARG A 3 4.75 68.70 -13.88
C ARG A 3 4.58 67.20 -14.04
N GLU A 4 3.97 66.57 -13.05
CA GLU A 4 4.14 65.17 -12.82
C GLU A 4 2.78 64.53 -12.57
N ASP A 5 2.63 63.25 -12.91
CA ASP A 5 1.33 62.57 -12.85
C ASP A 5 0.79 62.52 -11.41
N PRO A 6 -0.29 63.27 -11.11
CA PRO A 6 -0.82 63.35 -9.74
C PRO A 6 -1.37 62.05 -9.18
N GLN A 7 -1.55 61.05 -10.04
CA GLN A 7 -2.02 59.77 -9.58
C GLN A 7 -0.91 58.89 -9.03
N LEU A 8 0.35 59.31 -9.14
CA LEU A 8 1.47 58.47 -8.75
C LEU A 8 2.19 58.96 -7.49
N LEU A 9 1.63 59.96 -6.81
CA LEU A 9 2.25 60.54 -5.63
C LEU A 9 1.42 60.16 -4.41
N VAL A 10 2.04 59.44 -3.47
CA VAL A 10 1.38 58.89 -2.30
C VAL A 10 2.29 59.07 -1.09
N ARG A 11 1.70 59.31 0.07
CA ARG A 11 2.45 59.39 1.30
C ARG A 11 2.15 58.17 2.17
N VAL A 12 3.22 57.59 2.71
CA VAL A 12 3.14 56.56 3.74
C VAL A 12 3.77 57.08 5.05
N ARG A 13 3.76 56.27 6.10
CA ARG A 13 4.26 56.70 7.42
C ARG A 13 5.69 57.24 7.41
N GLY A 14 6.54 56.66 6.58
CA GLY A 14 7.92 57.10 6.48
C GLY A 14 8.12 58.30 5.59
N GLY A 15 7.10 58.69 4.83
CA GLY A 15 7.22 59.85 3.95
C GLY A 15 6.62 59.68 2.58
N GLN A 16 7.02 60.54 1.65
CA GLN A 16 6.40 60.66 0.33
C GLN A 16 7.02 59.72 -0.68
N LEU A 17 6.19 59.14 -1.54
CA LEU A 17 6.63 58.20 -2.59
C LEU A 17 6.18 58.66 -3.96
N ARG A 18 6.95 58.32 -4.99
CA ARG A 18 6.54 58.49 -6.38
C ARG A 18 6.54 57.14 -7.07
N GLY A 19 5.39 56.72 -7.61
CA GLY A 19 5.27 55.44 -8.29
C GLY A 19 5.38 55.57 -9.80
N ILE A 20 5.07 54.49 -10.50
CA ILE A 20 5.18 54.46 -11.96
C ILE A 20 3.87 53.90 -12.56
N ARG A 21 3.48 54.48 -13.69
CA ARG A 21 2.34 54.00 -14.45
C ARG A 21 2.83 52.93 -15.39
N LEU A 22 2.38 51.70 -15.17
CA LEU A 22 2.76 50.55 -15.99
C LEU A 22 1.59 50.14 -16.86
N LYS A 23 1.90 49.55 -18.01
CA LYS A 23 0.89 49.03 -18.94
C LYS A 23 0.60 47.57 -18.67
N ALA A 24 -0.63 47.26 -18.28
CA ALA A 24 -1.13 45.90 -18.37
C ALA A 24 -1.88 45.79 -19.69
N PRO A 25 -2.08 44.57 -20.21
CA PRO A 25 -2.79 44.42 -21.50
C PRO A 25 -4.14 45.15 -21.58
N GLY A 26 -4.89 45.13 -20.50
CA GLY A 26 -6.23 45.74 -20.49
C GLY A 26 -6.26 47.21 -20.16
N GLY A 27 -5.11 47.76 -19.74
CA GLY A 27 -5.05 49.16 -19.35
C GLY A 27 -3.95 49.40 -18.33
N PRO A 28 -3.82 50.63 -17.85
CA PRO A 28 -2.70 50.98 -16.98
C PRO A 28 -2.92 50.55 -15.55
N VAL A 29 -1.81 50.33 -14.83
CA VAL A 29 -1.85 50.14 -13.39
C VAL A 29 -0.79 51.05 -12.74
N SER A 30 -0.93 51.25 -11.43
CA SER A 30 0.03 52.01 -10.63
C SER A 30 0.97 51.04 -9.92
N ALA A 31 2.27 51.32 -9.94
CA ALA A 31 3.21 50.49 -9.20
C ALA A 31 4.11 51.34 -8.33
N PHE A 32 4.27 50.91 -7.08
CA PHE A 32 5.16 51.54 -6.14
C PHE A 32 6.13 50.47 -5.75
N LEU A 33 7.29 50.46 -6.41
CA LEU A 33 8.27 49.39 -6.34
C LEU A 33 9.50 49.86 -5.57
N GLY A 34 10.04 49.01 -4.70
CA GLY A 34 11.25 49.33 -3.94
C GLY A 34 11.05 50.21 -2.73
N ILE A 35 9.91 50.05 -2.03
CA ILE A 35 9.61 50.82 -0.84
C ILE A 35 10.33 50.21 0.36
N PRO A 36 11.26 50.95 0.98
CA PRO A 36 11.96 50.34 2.13
C PRO A 36 11.01 50.12 3.29
N PHE A 37 10.96 48.92 3.86
CA PHE A 37 10.15 48.68 5.05
C PHE A 37 10.96 48.45 6.32
N ALA A 38 12.28 48.37 6.21
CA ALA A 38 13.15 48.16 7.36
C ALA A 38 14.45 48.93 7.16
N GLU A 39 15.18 49.16 8.23
CA GLU A 39 16.55 49.64 8.14
C GLU A 39 17.41 48.55 7.49
N PRO A 40 18.35 48.95 6.62
CA PRO A 40 19.15 47.92 5.97
C PRO A 40 19.82 46.99 6.98
N PRO A 41 19.59 45.68 6.86
CA PRO A 41 20.10 44.77 7.88
C PRO A 41 21.57 44.39 7.61
N VAL A 42 22.44 45.40 7.60
CA VAL A 42 23.84 45.23 7.23
C VAL A 42 24.78 45.52 8.42
N GLY A 43 26.02 45.06 8.32
CA GLY A 43 26.97 45.25 9.39
C GLY A 43 26.51 44.59 10.68
N SER A 44 26.49 45.36 11.76
CA SER A 44 26.10 44.86 13.07
C SER A 44 24.69 44.31 13.11
N ARG A 45 23.92 44.61 12.06
CA ARG A 45 22.52 44.23 11.96
C ARG A 45 22.32 42.85 11.35
N ARG A 46 23.40 42.27 10.80
CA ARG A 46 23.33 40.94 10.19
C ARG A 46 22.94 39.93 11.25
N PHE A 47 22.04 39.03 10.85
CA PHE A 47 21.44 38.01 11.71
C PHE A 47 20.42 38.50 12.72
N MET A 48 20.27 39.82 12.88
CA MET A 48 19.37 40.40 13.88
C MET A 48 17.98 40.67 13.34
N PRO A 49 16.97 40.66 14.23
CA PRO A 49 15.62 41.06 13.85
C PRO A 49 15.62 42.38 13.08
N PRO A 50 14.66 42.56 12.17
CA PRO A 50 14.61 43.80 11.43
C PRO A 50 14.12 44.97 12.28
N GLU A 51 14.69 46.12 11.99
CA GLU A 51 14.31 47.40 12.60
C GLU A 51 13.46 48.15 11.59
N PRO A 52 12.31 48.68 12.01
CA PRO A 52 11.47 49.42 11.06
C PRO A 52 12.20 50.61 10.44
N LYS A 53 11.89 50.89 9.19
CA LYS A 53 12.54 51.95 8.43
C LYS A 53 12.25 53.31 9.03
N ARG A 54 13.31 54.07 9.28
CA ARG A 54 13.18 55.43 9.77
C ARG A 54 12.72 56.34 8.64
N PRO A 55 11.83 57.31 8.93
CA PRO A 55 11.32 58.21 7.91
C PRO A 55 12.40 58.92 7.10
N TRP A 56 12.11 59.19 5.84
CA TRP A 56 13.03 59.88 4.94
C TRP A 56 12.49 61.25 4.59
N SER A 57 13.36 62.11 4.09
CA SER A 57 12.93 63.42 3.64
C SER A 57 12.79 63.40 2.12
N GLY A 58 11.88 64.23 1.62
CA GLY A 58 11.66 64.34 0.19
C GLY A 58 10.81 63.21 -0.32
N VAL A 59 10.86 63.02 -1.62
CA VAL A 59 10.03 62.06 -2.32
C VAL A 59 10.95 60.90 -2.73
N LEU A 60 10.67 59.73 -2.15
CA LEU A 60 11.39 58.52 -2.47
C LEU A 60 10.90 58.00 -3.81
N ASP A 61 11.84 57.71 -4.69
CA ASP A 61 11.52 57.17 -5.99
C ASP A 61 11.15 55.69 -5.89
N ALA A 62 9.89 55.36 -6.17
CA ALA A 62 9.40 54.00 -6.10
C ALA A 62 9.03 53.48 -7.49
N THR A 63 9.94 53.68 -8.46
CA THR A 63 9.66 53.37 -9.86
C THR A 63 10.35 52.09 -10.36
N THR A 64 11.31 51.58 -9.58
CA THR A 64 12.02 50.38 -9.95
C THR A 64 12.15 49.42 -8.77
N PHE A 65 12.22 48.14 -9.10
CA PHE A 65 12.53 47.09 -8.15
C PHE A 65 13.87 47.34 -7.49
N GLN A 66 13.97 46.93 -6.24
CA GLN A 66 15.19 47.19 -5.50
C GLN A 66 16.06 45.91 -5.45
N ASN A 67 17.13 45.91 -4.65
CA ASN A 67 18.09 44.79 -4.67
C ASN A 67 17.46 43.48 -4.18
N VAL A 68 18.02 42.37 -4.68
CA VAL A 68 17.66 41.04 -4.21
C VAL A 68 18.52 40.65 -3.02
N CYS A 69 17.92 40.01 -2.02
CA CYS A 69 18.65 39.55 -0.85
C CYS A 69 19.76 38.60 -1.24
N TYR A 70 20.91 38.69 -0.58
CA TYR A 70 22.06 37.91 -0.98
C TYR A 70 21.72 36.42 -0.94
N GLN A 71 22.03 35.71 -2.01
CA GLN A 71 21.69 34.32 -2.16
C GLN A 71 22.48 33.58 -3.17
N TYR A 72 22.51 32.26 -2.99
CA TYR A 72 22.96 31.28 -3.96
C TYR A 72 22.23 31.48 -5.29
N VAL A 73 22.95 31.38 -6.38
CA VAL A 73 22.38 31.53 -7.70
C VAL A 73 22.59 30.22 -8.45
N ASP A 74 21.50 29.68 -8.99
CA ASP A 74 21.52 28.36 -9.61
C ASP A 74 22.44 28.34 -10.79
N THR A 75 23.33 27.34 -10.80
CA THR A 75 24.32 27.14 -11.85
C THR A 75 24.15 25.87 -12.71
N LEU A 76 23.23 24.98 -12.34
CA LEU A 76 23.11 23.65 -12.95
C LEU A 76 23.06 23.72 -14.48
N TYR A 77 22.22 24.61 -15.02
CA TYR A 77 21.97 24.71 -16.49
C TYR A 77 22.03 26.14 -17.01
N PRO A 78 23.23 26.66 -17.25
CA PRO A 78 23.42 28.06 -17.69
C PRO A 78 22.75 28.43 -19.02
N GLY A 79 21.95 29.50 -19.00
CA GLY A 79 21.31 30.04 -20.22
C GLY A 79 19.91 29.48 -20.52
N PHE A 80 19.36 28.74 -19.57
CA PHE A 80 18.20 27.88 -19.79
C PHE A 80 17.05 28.45 -19.01
N GLU A 81 15.96 28.80 -19.69
CA GLU A 81 14.86 29.56 -19.07
C GLU A 81 14.24 28.82 -17.88
N GLY A 82 14.29 27.49 -17.95
CA GLY A 82 13.76 26.65 -16.90
C GLY A 82 14.36 27.00 -15.56
N THR A 83 15.66 27.29 -15.54
CA THR A 83 16.32 27.66 -14.29
C THR A 83 16.44 29.19 -14.12
N GLU A 84 16.76 29.88 -15.20
CA GLU A 84 17.00 31.31 -15.11
C GLU A 84 15.78 32.09 -14.70
N MET A 85 14.57 31.56 -14.93
CA MET A 85 13.38 32.30 -14.59
C MET A 85 13.20 32.50 -13.08
N TRP A 86 13.91 31.72 -12.28
CA TRP A 86 13.85 31.83 -10.81
C TRP A 86 15.08 32.56 -10.22
N ASN A 87 16.05 32.83 -11.07
CA ASN A 87 17.27 33.49 -10.65
C ASN A 87 17.08 34.98 -10.45
N PRO A 88 17.95 35.61 -9.61
CA PRO A 88 17.78 37.04 -9.30
C PRO A 88 17.82 37.86 -10.57
N ASN A 89 16.94 38.86 -10.65
CA ASN A 89 16.87 39.76 -11.80
C ASN A 89 17.30 41.17 -11.43
N ARG A 90 17.68 41.39 -10.17
CA ARG A 90 18.40 42.60 -9.76
C ARG A 90 19.71 42.22 -9.06
N GLU A 91 20.54 43.21 -8.73
CA GLU A 91 21.79 42.93 -8.07
C GLU A 91 21.55 42.43 -6.67
N LEU A 92 22.48 41.61 -6.18
CA LEU A 92 22.37 41.01 -4.84
C LEU A 92 23.01 41.93 -3.85
N SER A 93 22.34 42.09 -2.71
CA SER A 93 22.87 42.90 -1.63
C SER A 93 22.17 42.50 -0.34
N GLU A 94 22.83 42.72 0.78
CA GLU A 94 22.20 42.57 2.11
C GLU A 94 21.25 43.72 2.43
N ASP A 95 21.44 44.85 1.74
CA ASP A 95 20.46 45.92 1.73
C ASP A 95 19.40 45.54 0.73
N CYS A 96 18.32 44.93 1.23
CA CYS A 96 17.32 44.29 0.38
C CYS A 96 15.88 44.28 0.94
N LEU A 97 15.62 44.94 2.07
CA LEU A 97 14.33 44.84 2.74
C LEU A 97 13.40 45.91 2.21
N TYR A 98 12.88 45.62 1.01
CA TYR A 98 11.97 46.49 0.24
C TYR A 98 10.71 45.72 -0.07
N LEU A 99 9.60 46.42 -0.25
CA LEU A 99 8.37 45.79 -0.69
C LEU A 99 7.77 46.54 -1.89
N ASN A 100 6.89 45.86 -2.60
CA ASN A 100 6.33 46.39 -3.83
C ASN A 100 4.83 46.39 -3.75
N VAL A 101 4.19 47.38 -4.37
CA VAL A 101 2.72 47.49 -4.37
C VAL A 101 2.20 47.77 -5.78
N TRP A 102 1.13 47.07 -6.18
CA TRP A 102 0.46 47.32 -7.45
C TRP A 102 -1.00 47.60 -7.14
N THR A 103 -1.57 48.61 -7.82
CA THR A 103 -2.96 48.98 -7.62
C THR A 103 -3.55 49.36 -8.96
N PRO A 104 -4.87 49.33 -9.07
CA PRO A 104 -5.49 49.92 -10.25
C PRO A 104 -5.03 51.35 -10.50
N TYR A 105 -5.18 51.80 -11.76
CA TYR A 105 -4.94 53.19 -12.14
C TYR A 105 -6.21 53.71 -12.78
N PRO A 106 -6.81 54.76 -12.20
CA PRO A 106 -6.48 55.39 -10.92
C PRO A 106 -6.81 54.49 -9.76
N ARG A 107 -6.23 54.80 -8.60
CA ARG A 107 -6.39 54.00 -7.39
C ARG A 107 -7.85 53.92 -7.04
N PRO A 108 -8.28 52.77 -6.49
CA PRO A 108 -9.71 52.55 -6.26
C PRO A 108 -10.34 53.57 -5.31
N ALA A 109 -11.58 53.91 -5.59
CA ALA A 109 -12.35 54.87 -4.82
C ALA A 109 -12.66 54.33 -3.42
N SER A 110 -13.12 53.08 -3.36
CA SER A 110 -13.43 52.44 -2.08
C SER A 110 -12.42 51.31 -1.77
N PRO A 111 -12.21 51.02 -0.46
CA PRO A 111 -11.18 50.07 0.01
C PRO A 111 -11.25 48.68 -0.63
N THR A 112 -10.13 48.22 -1.17
CA THR A 112 -10.07 47.00 -1.94
C THR A 112 -9.33 45.90 -1.16
N PRO A 113 -9.81 44.66 -1.22
CA PRO A 113 -9.07 43.53 -0.68
C PRO A 113 -7.61 43.47 -1.13
N VAL A 114 -6.71 43.20 -0.19
CA VAL A 114 -5.28 43.17 -0.43
C VAL A 114 -4.77 41.72 -0.49
N LEU A 115 -3.93 41.41 -1.46
CA LEU A 115 -3.29 40.11 -1.55
C LEU A 115 -1.79 40.33 -1.31
N ILE A 116 -1.19 39.55 -0.40
CA ILE A 116 0.26 39.68 -0.11
C ILE A 116 0.96 38.41 -0.51
N TRP A 117 1.92 38.54 -1.44
CA TRP A 117 2.66 37.43 -1.94
C TRP A 117 3.98 37.22 -1.18
N ILE A 118 4.21 35.99 -0.71
CA ILE A 118 5.44 35.60 -0.10
C ILE A 118 6.12 34.53 -0.94
N TYR A 119 7.18 34.91 -1.61
CA TYR A 119 7.82 33.99 -2.55
C TYR A 119 8.49 32.79 -1.88
N GLY A 120 8.77 31.78 -2.70
CA GLY A 120 9.46 30.56 -2.30
C GLY A 120 10.87 30.53 -2.81
N GLY A 121 11.48 29.36 -2.71
CA GLY A 121 12.91 29.16 -3.03
C GLY A 121 13.71 28.58 -1.86
N GLY A 122 13.06 27.71 -1.09
CA GLY A 122 13.75 26.83 -0.14
C GLY A 122 14.18 27.49 1.14
N PHE A 123 13.76 28.73 1.30
CA PHE A 123 14.28 29.68 2.28
C PHE A 123 15.72 30.08 2.02
N TYR A 124 16.25 29.79 0.82
CA TYR A 124 17.65 30.12 0.46
C TYR A 124 17.73 31.04 -0.76
N SER A 125 16.58 31.31 -1.37
CA SER A 125 16.52 32.03 -2.63
C SER A 125 15.17 32.68 -2.84
N GLY A 126 15.13 33.54 -3.85
CA GLY A 126 13.87 34.15 -4.25
C GLY A 126 13.90 35.66 -4.18
N ALA A 127 13.00 36.27 -4.93
CA ALA A 127 12.81 37.72 -4.96
C ALA A 127 11.36 38.07 -5.29
N ALA A 128 10.91 39.19 -4.72
CA ALA A 128 9.57 39.71 -5.08
C ALA A 128 9.54 40.33 -6.48
N SER A 129 10.70 40.45 -7.14
CA SER A 129 10.82 41.17 -8.39
C SER A 129 10.84 40.29 -9.63
N LEU A 130 10.73 38.97 -9.48
CA LEU A 130 10.74 38.07 -10.65
C LEU A 130 9.49 38.29 -11.49
N ASP A 131 9.63 38.14 -12.81
CA ASP A 131 8.51 38.34 -13.73
C ASP A 131 7.28 37.54 -13.35
N VAL A 132 7.51 36.30 -12.95
CA VAL A 132 6.44 35.39 -12.57
C VAL A 132 5.59 35.90 -11.40
N TYR A 133 6.12 36.84 -10.61
CA TYR A 133 5.34 37.41 -9.46
C TYR A 133 4.81 38.83 -9.77
N ASP A 134 4.72 39.17 -11.06
CA ASP A 134 4.31 40.49 -11.52
C ASP A 134 2.82 40.73 -11.25
N GLY A 135 2.54 41.64 -10.30
CA GLY A 135 1.17 41.92 -9.85
C GLY A 135 0.30 42.74 -10.75
N ARG A 136 0.79 43.15 -11.92
CA ARG A 136 0.03 44.08 -12.76
C ARG A 136 -1.27 43.50 -13.30
N PHE A 137 -1.35 42.19 -13.47
CA PHE A 137 -2.50 41.61 -14.17
C PHE A 137 -3.63 41.44 -13.17
N LEU A 138 -3.31 40.96 -11.98
CA LEU A 138 -4.31 40.90 -10.93
C LEU A 138 -4.88 42.28 -10.61
N ALA A 139 -4.01 43.28 -10.52
CA ALA A 139 -4.42 44.66 -10.25
C ALA A 139 -5.34 45.18 -11.36
N GLN A 140 -4.92 45.05 -12.61
CA GLN A 140 -5.72 45.54 -13.72
C GLN A 140 -7.04 44.78 -13.91
N VAL A 141 -6.98 43.45 -13.96
CA VAL A 141 -8.15 42.65 -14.32
C VAL A 141 -9.10 42.49 -13.13
N GLU A 142 -8.57 42.24 -11.94
CA GLU A 142 -9.41 41.99 -10.77
C GLU A 142 -9.57 43.18 -9.86
N GLY A 143 -8.82 44.25 -10.10
CA GLY A 143 -8.93 45.46 -9.29
C GLY A 143 -8.28 45.29 -7.94
N ALA A 144 -7.38 44.32 -7.83
CA ALA A 144 -6.78 43.95 -6.55
C ALA A 144 -5.65 44.90 -6.19
N VAL A 145 -5.41 45.03 -4.88
CA VAL A 145 -4.16 45.61 -4.40
C VAL A 145 -3.20 44.48 -4.01
N LEU A 146 -2.05 44.39 -4.68
CA LEU A 146 -1.12 43.31 -4.46
C LEU A 146 0.17 43.85 -3.87
N VAL A 147 0.60 43.24 -2.77
CA VAL A 147 1.87 43.56 -2.13
C VAL A 147 2.80 42.37 -2.20
N SER A 148 4.09 42.61 -2.45
CA SER A 148 5.10 41.55 -2.33
C SER A 148 6.36 42.13 -1.65
N MET A 149 6.87 41.46 -0.61
CA MET A 149 8.08 41.88 0.08
C MET A 149 9.23 40.92 -0.15
N ASN A 150 10.42 41.48 -0.25
CA ASN A 150 11.68 40.77 -0.06
C ASN A 150 11.85 40.42 1.42
N TYR A 151 12.35 39.23 1.68
CA TYR A 151 12.75 38.85 3.03
C TYR A 151 14.09 38.13 2.93
N ARG A 152 14.89 38.22 3.99
CA ARG A 152 16.21 37.61 4.03
C ARG A 152 16.18 36.09 3.96
N VAL A 153 17.05 35.54 3.11
CA VAL A 153 17.14 34.11 2.90
C VAL A 153 18.54 33.61 3.28
N GLY A 154 18.69 32.28 3.34
CA GLY A 154 19.97 31.65 3.64
C GLY A 154 20.37 31.94 5.05
N THR A 155 21.68 31.99 5.28
CA THR A 155 22.27 32.32 6.57
C THR A 155 21.74 33.66 7.08
N PHE A 156 21.59 34.60 6.17
CA PHE A 156 21.20 35.96 6.49
C PHE A 156 19.82 36.02 7.09
N GLY A 157 18.89 35.21 6.60
CA GLY A 157 17.53 35.14 7.20
C GLY A 157 17.34 34.11 8.29
N PHE A 158 18.08 33.00 8.22
CA PHE A 158 17.75 31.83 9.05
C PHE A 158 18.84 31.18 9.88
N LEU A 159 20.06 31.70 9.85
CA LEU A 159 21.15 31.12 10.64
C LEU A 159 20.85 31.53 12.05
N ALA A 160 20.96 30.57 12.98
CA ALA A 160 20.45 30.72 14.35
C ALA A 160 21.40 30.08 15.36
N LEU A 161 21.65 30.77 16.46
CA LEU A 161 22.26 30.19 17.63
C LEU A 161 21.18 30.35 18.71
N PRO A 162 20.26 29.38 18.75
CA PRO A 162 19.05 29.50 19.54
C PRO A 162 19.27 29.84 20.99
N GLY A 163 18.58 30.88 21.45
CA GLY A 163 18.79 31.37 22.82
C GLY A 163 19.75 32.53 22.83
N SER A 164 20.49 32.74 21.74
CA SER A 164 21.35 33.92 21.63
C SER A 164 20.53 35.18 21.42
N ARG A 165 21.20 36.29 21.67
CA ARG A 165 20.62 37.61 21.53
C ARG A 165 20.94 38.11 20.11
N GLU A 166 22.13 37.77 19.62
CA GLU A 166 22.65 38.34 18.38
C GLU A 166 22.23 37.58 17.12
N ALA A 167 21.79 36.33 17.29
CA ALA A 167 21.36 35.45 16.19
C ALA A 167 20.22 34.52 16.65
N PRO A 168 19.05 35.11 16.95
CA PRO A 168 17.97 34.33 17.56
C PRO A 168 17.24 33.39 16.64
N GLY A 169 17.44 33.53 15.33
CA GLY A 169 16.76 32.66 14.39
C GLY A 169 15.48 33.30 13.86
N ASN A 170 14.97 32.78 12.75
CA ASN A 170 13.70 33.22 12.19
C ASN A 170 13.59 34.69 11.72
N VAL A 171 14.71 35.39 11.56
CA VAL A 171 14.62 36.82 11.30
C VAL A 171 14.04 37.09 9.91
N GLY A 172 14.22 36.17 8.97
CA GLY A 172 13.56 36.34 7.65
C GLY A 172 12.04 36.33 7.72
N LEU A 173 11.51 35.58 8.67
CA LEU A 173 10.07 35.57 8.96
C LEU A 173 9.67 36.83 9.69
N LEU A 174 10.61 37.39 10.43
CA LEU A 174 10.34 38.63 11.14
C LEU A 174 10.27 39.76 10.09
N ASP A 175 11.10 39.67 9.05
CA ASP A 175 11.06 40.58 7.90
C ASP A 175 9.69 40.54 7.24
N GLN A 176 9.18 39.34 6.99
CA GLN A 176 7.85 39.16 6.42
C GLN A 176 6.80 39.78 7.29
N ARG A 177 6.94 39.59 8.59
CA ARG A 177 5.95 40.15 9.54
C ARG A 177 5.93 41.69 9.58
N LEU A 178 7.09 42.31 9.57
CA LEU A 178 7.23 43.77 9.48
C LEU A 178 6.55 44.32 8.24
N ALA A 179 6.73 43.63 7.10
CA ALA A 179 6.01 44.00 5.89
C ALA A 179 4.52 43.90 6.14
N LEU A 180 4.05 42.85 6.82
CA LEU A 180 2.61 42.73 7.07
C LEU A 180 2.12 43.86 7.95
N GLN A 181 2.97 44.30 8.89
CA GLN A 181 2.66 45.45 9.74
C GLN A 181 2.63 46.76 8.92
N TRP A 182 3.54 46.85 7.96
CA TRP A 182 3.62 48.00 7.08
C TRP A 182 2.31 48.09 6.32
N VAL A 183 1.83 46.97 5.80
CA VAL A 183 0.61 46.98 5.02
C VAL A 183 -0.52 47.50 5.92
N GLN A 184 -0.54 47.06 7.17
CA GLN A 184 -1.63 47.46 8.07
C GLN A 184 -1.69 48.97 8.30
N GLU A 185 -0.53 49.57 8.50
CA GLU A 185 -0.41 50.99 8.79
C GLU A 185 -0.63 51.82 7.53
N ASN A 186 -0.17 51.31 6.39
CA ASN A 186 0.01 52.12 5.18
C ASN A 186 -0.85 51.81 3.97
N ILE A 187 -1.39 50.61 3.84
CA ILE A 187 -2.06 50.19 2.58
C ILE A 187 -3.30 51.02 2.20
N ALA A 188 -3.93 51.65 3.19
CA ALA A 188 -5.06 52.53 2.91
C ALA A 188 -4.64 53.74 2.07
N ALA A 189 -3.38 54.16 2.14
CA ALA A 189 -2.90 55.28 1.33
C ALA A 189 -3.00 54.94 -0.16
N PHE A 190 -3.06 53.63 -0.46
CA PHE A 190 -3.15 53.12 -1.82
C PHE A 190 -4.55 52.61 -2.18
N GLY A 191 -5.51 52.76 -1.27
CA GLY A 191 -6.87 52.26 -1.51
C GLY A 191 -7.11 50.81 -1.12
N GLY A 192 -6.13 50.18 -0.46
CA GLY A 192 -6.29 48.83 0.05
C GLY A 192 -7.01 48.79 1.39
N ASP A 193 -7.78 47.73 1.61
CA ASP A 193 -8.50 47.55 2.85
C ASP A 193 -7.64 46.76 3.84
N PRO A 194 -7.11 47.42 4.88
CA PRO A 194 -6.25 46.68 5.80
C PRO A 194 -7.03 45.58 6.56
N MET A 195 -8.35 45.73 6.69
CA MET A 195 -9.19 44.73 7.32
C MET A 195 -9.62 43.58 6.39
N SER A 196 -8.96 43.44 5.24
CA SER A 196 -9.18 42.30 4.40
C SER A 196 -7.90 41.99 3.62
N VAL A 197 -6.97 41.30 4.30
CA VAL A 197 -5.67 40.92 3.74
C VAL A 197 -5.60 39.41 3.69
N THR A 198 -5.17 38.87 2.54
CA THR A 198 -5.20 37.46 2.31
C THR A 198 -3.72 37.24 1.88
N LEU A 199 -2.98 36.36 2.56
CA LEU A 199 -1.54 36.04 2.15
C LEU A 199 -1.49 34.94 1.17
N PHE A 200 -0.42 34.87 0.33
CA PHE A 200 -0.39 33.70 -0.43
C PHE A 200 1.07 33.49 -0.87
N GLY A 201 1.47 32.24 -0.98
CA GLY A 201 2.84 31.99 -1.50
C GLY A 201 3.00 30.59 -1.94
N GLU A 202 4.17 30.24 -2.49
CA GLU A 202 4.37 28.91 -2.96
C GLU A 202 5.69 28.33 -2.37
N SER A 203 5.66 27.03 -2.06
CA SER A 203 6.82 26.34 -1.50
C SER A 203 7.19 26.93 -0.14
N ALA A 204 8.42 27.47 0.03
CA ALA A 204 8.83 28.12 1.31
C ALA A 204 7.93 29.32 1.68
N GLY A 205 7.40 29.96 0.65
CA GLY A 205 6.47 31.04 0.80
C GLY A 205 5.22 30.55 1.49
N ALA A 206 4.77 29.35 1.15
CA ALA A 206 3.56 28.71 1.73
C ALA A 206 3.83 28.21 3.13
N ALA A 207 4.99 27.59 3.34
CA ALA A 207 5.45 27.24 4.67
C ALA A 207 5.41 28.50 5.53
N SER A 208 5.95 29.59 4.99
CA SER A 208 5.94 30.91 5.66
C SER A 208 4.50 31.34 6.00
N VAL A 209 3.58 31.31 5.02
CA VAL A 209 2.14 31.63 5.35
C VAL A 209 1.66 30.80 6.52
N GLY A 210 1.95 29.51 6.50
CA GLY A 210 1.52 28.62 7.60
C GLY A 210 2.13 28.95 8.94
N MET A 211 3.39 29.37 8.94
CA MET A 211 4.02 29.84 10.18
C MET A 211 3.36 31.12 10.76
N HIS A 212 2.82 31.95 9.88
CA HIS A 212 2.09 33.14 10.33
C HIS A 212 0.73 32.80 10.94
N ILE A 213 0.07 31.80 10.38
CA ILE A 213 -1.12 31.20 10.98
C ILE A 213 -0.76 30.66 12.36
N LEU A 214 0.40 30.03 12.47
CA LEU A 214 0.78 29.33 13.70
C LEU A 214 1.41 30.24 14.73
N SER A 215 1.79 31.46 14.32
CA SER A 215 2.42 32.45 15.22
C SER A 215 1.51 33.59 15.66
N LEU A 216 1.23 33.69 16.96
CA LEU A 216 0.25 34.64 17.48
C LEU A 216 0.41 36.08 17.00
N PRO A 217 1.56 36.71 17.24
CA PRO A 217 1.67 38.10 16.78
C PRO A 217 1.34 38.38 15.31
N SER A 218 1.49 37.41 14.41
CA SER A 218 1.10 37.58 13.01
C SER A 218 -0.39 37.52 12.73
N ARG A 219 -1.19 36.99 13.64
CA ARG A 219 -2.59 36.68 13.35
C ARG A 219 -3.49 37.90 13.23
N SER A 220 -3.11 38.97 13.90
CA SER A 220 -3.81 40.23 13.78
C SER A 220 -3.49 40.93 12.47
N LEU A 221 -2.56 40.42 11.67
CA LEU A 221 -2.06 41.14 10.50
C LEU A 221 -2.61 40.63 9.20
N PHE A 222 -3.54 39.68 9.26
CA PHE A 222 -4.19 39.12 8.06
C PHE A 222 -5.44 38.36 8.41
N HIS A 223 -6.24 38.00 7.39
CA HIS A 223 -7.56 37.42 7.64
C HIS A 223 -7.84 36.05 6.97
N ARG A 224 -7.12 35.75 5.88
CA ARG A 224 -7.35 34.51 5.15
C ARG A 224 -5.98 34.16 4.52
N ALA A 225 -5.76 32.90 4.19
CA ALA A 225 -4.42 32.47 3.65
C ALA A 225 -4.55 31.48 2.53
N VAL A 226 -3.50 31.40 1.72
CA VAL A 226 -3.51 30.50 0.59
C VAL A 226 -2.11 29.89 0.55
N LEU A 227 -2.03 28.57 0.69
CA LEU A 227 -0.75 27.87 0.75
C LEU A 227 -0.66 26.99 -0.47
N GLN A 228 0.25 27.33 -1.40
CA GLN A 228 0.44 26.57 -2.61
C GLN A 228 1.73 25.70 -2.54
N SER A 229 1.60 24.38 -2.69
CA SER A 229 2.71 23.45 -2.76
C SER A 229 3.70 23.63 -1.62
N GLY A 230 3.21 23.84 -0.40
CA GLY A 230 4.08 23.94 0.76
C GLY A 230 3.29 24.07 2.04
N THR A 231 3.93 23.77 3.17
CA THR A 231 3.26 23.68 4.46
C THR A 231 4.28 23.98 5.57
N PRO A 232 3.82 24.41 6.77
CA PRO A 232 4.79 24.57 7.87
C PRO A 232 5.24 23.24 8.53
N ASN A 233 4.30 22.31 8.70
CA ASN A 233 4.58 20.91 8.98
C ASN A 233 5.37 20.27 7.81
N GLY A 234 5.87 19.06 8.00
CA GLY A 234 6.61 18.34 6.97
C GLY A 234 8.10 18.30 7.23
N PRO A 235 8.86 17.60 6.37
CA PRO A 235 10.26 17.27 6.63
C PRO A 235 11.35 18.35 6.40
N TRP A 236 11.03 19.45 5.74
CA TRP A 236 12.06 20.39 5.27
C TRP A 236 11.89 21.83 5.71
N ALA A 237 10.76 22.20 6.32
CA ALA A 237 10.44 23.61 6.48
C ALA A 237 10.92 24.18 7.81
N THR A 238 11.19 23.32 8.80
CA THR A 238 11.77 23.73 10.05
C THR A 238 12.87 22.79 10.48
N VAL A 239 13.64 23.23 11.48
CA VAL A 239 14.65 22.41 12.13
C VAL A 239 14.55 22.66 13.64
N SER A 240 14.98 21.71 14.44
CA SER A 240 15.03 21.86 15.89
C SER A 240 16.07 22.87 16.26
N ALA A 241 15.98 23.35 17.50
CA ALA A 241 16.96 24.28 18.00
C ALA A 241 18.34 23.64 17.88
N GLY A 242 18.46 22.38 18.27
CA GLY A 242 19.74 21.68 18.27
C GLY A 242 20.39 21.55 16.92
N GLU A 243 19.58 21.25 15.90
CA GLU A 243 20.06 21.11 14.55
C GLU A 243 20.43 22.45 13.94
N ALA A 244 19.67 23.50 14.30
CA ALA A 244 20.00 24.84 13.84
C ALA A 244 21.38 25.25 14.40
N ARG A 245 21.58 25.02 15.69
CA ARG A 245 22.84 25.33 16.36
C ARG A 245 24.04 24.60 15.77
N ARG A 246 23.82 23.35 15.45
CA ARG A 246 24.85 22.49 14.89
C ARG A 246 25.23 22.96 13.50
N ARG A 247 24.24 23.33 12.69
CA ARG A 247 24.51 23.85 11.35
C ARG A 247 25.21 25.23 11.37
N ALA A 248 24.78 26.13 12.26
CA ALA A 248 25.40 27.45 12.41
C ALA A 248 26.84 27.33 12.84
N THR A 249 27.09 26.39 13.74
CA THR A 249 28.41 26.19 14.32
C THR A 249 29.34 25.59 13.30
N LEU A 250 28.84 24.64 12.52
CA LEU A 250 29.63 24.02 11.44
C LEU A 250 30.00 25.08 10.40
N LEU A 251 29.02 25.89 10.00
CA LEU A 251 29.27 26.96 9.03
C LEU A 251 30.33 27.93 9.53
N ALA A 252 30.19 28.38 10.77
CA ALA A 252 31.18 29.23 11.41
C ALA A 252 32.59 28.63 11.25
N ARG A 253 32.77 27.37 11.63
CA ARG A 253 34.07 26.68 11.46
C ARG A 253 34.55 26.75 10.01
N LEU A 254 33.65 26.46 9.08
CA LEU A 254 34.00 26.41 7.66
C LEU A 254 34.47 27.74 7.09
N VAL A 255 33.99 28.85 7.67
CA VAL A 255 34.46 30.20 7.29
C VAL A 255 35.49 30.80 8.26
N GLY A 256 36.05 29.95 9.13
CA GLY A 256 37.15 30.36 9.99
C GLY A 256 36.74 31.16 11.22
N CYS A 257 35.63 30.76 11.84
CA CYS A 257 35.09 31.43 13.01
C CYS A 257 34.84 30.43 14.13
N PRO A 258 35.64 30.47 15.20
CA PRO A 258 35.42 29.67 16.42
C PRO A 258 33.95 29.43 16.78
N ASN A 265 31.29 30.50 23.50
CA ASN A 265 30.70 31.84 23.54
C ASN A 265 30.02 32.20 22.21
N ASP A 266 28.71 32.46 22.23
CA ASP A 266 27.95 32.76 20.99
C ASP A 266 28.22 34.15 20.46
N THR A 267 28.39 35.11 21.36
CA THR A 267 28.65 36.50 20.99
C THR A 267 29.89 36.61 20.13
N GLU A 268 30.96 35.98 20.57
CA GLU A 268 32.24 35.94 19.86
C GLU A 268 32.09 35.23 18.50
N LEU A 269 31.33 34.14 18.46
CA LEU A 269 31.15 33.38 17.21
C LEU A 269 30.38 34.20 16.19
N ILE A 270 29.24 34.74 16.62
CA ILE A 270 28.38 35.57 15.79
C ILE A 270 29.10 36.85 15.38
N ALA A 271 29.85 37.45 16.29
CA ALA A 271 30.62 38.65 15.96
C ALA A 271 31.59 38.37 14.81
N CYS A 272 32.23 37.20 14.85
CA CYS A 272 33.16 36.81 13.80
C CYS A 272 32.41 36.50 12.51
N LEU A 273 31.22 35.91 12.59
CA LEU A 273 30.42 35.68 11.38
C LEU A 273 30.07 37.01 10.68
N ARG A 274 29.84 38.07 11.45
CA ARG A 274 29.48 39.37 10.87
C ARG A 274 30.65 40.04 10.17
N THR A 275 31.87 39.57 10.40
CA THR A 275 33.01 40.13 9.70
C THR A 275 33.23 39.49 8.32
N ARG A 276 32.56 38.39 8.03
CA ARG A 276 32.78 37.66 6.78
C ARG A 276 32.02 38.26 5.61
N PRO A 277 32.64 38.26 4.40
CA PRO A 277 31.93 38.63 3.19
C PRO A 277 30.65 37.84 2.99
N ALA A 278 29.57 38.49 2.55
CA ALA A 278 28.31 37.78 2.28
C ALA A 278 28.55 36.56 1.41
N GLN A 279 29.40 36.70 0.39
CA GLN A 279 29.61 35.61 -0.54
C GLN A 279 30.27 34.39 0.14
N ASP A 280 31.26 34.60 1.03
CA ASP A 280 31.82 33.51 1.84
C ASP A 280 30.71 32.71 2.51
N LEU A 281 29.70 33.38 3.03
CA LEU A 281 28.64 32.64 3.72
C LEU A 281 27.92 31.79 2.69
N VAL A 282 27.59 32.39 1.55
CA VAL A 282 26.87 31.66 0.50
C VAL A 282 27.69 30.49 -0.04
N ASP A 283 28.98 30.72 -0.25
CA ASP A 283 29.86 29.68 -0.74
C ASP A 283 29.93 28.43 0.13
N HIS A 284 29.55 28.50 1.40
CA HIS A 284 29.63 27.32 2.26
C HIS A 284 28.33 26.81 2.78
N GLU A 285 27.22 27.45 2.43
CA GLU A 285 25.95 27.12 3.08
C GLU A 285 25.45 25.71 2.74
N TRP A 286 25.83 25.16 1.58
CA TRP A 286 25.42 23.80 1.21
C TRP A 286 26.22 22.71 1.90
N HIS A 287 27.31 23.09 2.55
CA HIS A 287 28.19 22.11 3.19
C HIS A 287 27.75 21.67 4.61
N VAL A 288 26.57 22.05 5.07
CA VAL A 288 26.20 21.77 6.46
C VAL A 288 25.00 20.82 6.65
N LEU A 289 24.39 20.36 5.58
CA LEU A 289 23.30 19.38 5.69
C LEU A 289 23.85 18.04 6.20
N PRO A 290 23.07 17.34 7.05
CA PRO A 290 23.55 16.09 7.63
C PRO A 290 23.68 14.89 6.67
N GLN A 291 22.97 14.90 5.55
CA GLN A 291 23.02 13.79 4.59
C GLN A 291 23.20 14.30 3.20
N GLU A 292 23.54 13.42 2.28
CA GLU A 292 23.38 13.69 0.87
C GLU A 292 21.89 13.64 0.63
N SER A 293 21.31 14.72 0.11
CA SER A 293 19.85 14.86 0.04
C SER A 293 19.38 15.80 -1.02
N ILE A 294 18.08 15.75 -1.33
CA ILE A 294 17.40 16.74 -2.14
C ILE A 294 16.11 17.17 -1.38
N PHE A 295 15.60 18.37 -1.73
CA PHE A 295 14.46 19.01 -1.07
C PHE A 295 14.79 19.18 0.41
N ARG A 296 16.06 19.49 0.70
CA ARG A 296 16.50 19.85 2.04
C ARG A 296 17.33 21.11 2.00
N PHE A 297 17.12 22.01 2.97
CA PHE A 297 17.71 23.33 2.89
C PHE A 297 18.38 23.65 4.22
N SER A 298 19.59 24.22 4.13
CA SER A 298 20.47 24.37 5.27
C SER A 298 19.96 25.31 6.34
N PHE A 299 19.45 26.46 5.93
CA PHE A 299 19.01 27.49 6.89
C PHE A 299 17.54 27.80 6.67
N VAL A 300 16.72 27.38 7.63
CA VAL A 300 15.26 27.40 7.48
C VAL A 300 14.69 27.78 8.86
N PRO A 301 13.39 28.09 8.96
CA PRO A 301 12.84 28.37 10.29
C PRO A 301 13.23 27.36 11.36
N VAL A 302 13.39 27.86 12.59
CA VAL A 302 13.80 27.06 13.71
C VAL A 302 12.68 27.09 14.73
N VAL A 303 12.50 25.96 15.42
CA VAL A 303 11.50 25.88 16.46
C VAL A 303 12.18 26.44 17.69
N ASP A 304 11.94 27.72 17.94
CA ASP A 304 12.64 28.50 18.97
C ASP A 304 11.88 28.67 20.27
N GLY A 305 10.62 28.24 20.31
CA GLY A 305 9.77 28.54 21.48
C GLY A 305 9.44 30.03 21.62
N ASP A 306 9.46 30.76 20.51
CA ASP A 306 9.19 32.20 20.42
C ASP A 306 8.34 32.41 19.15
N PHE A 307 8.93 32.68 17.99
CA PHE A 307 8.09 32.76 16.79
C PHE A 307 7.22 31.49 16.68
N LEU A 308 7.87 30.35 16.81
CA LEU A 308 7.17 29.08 16.87
C LEU A 308 7.26 28.56 18.29
N SER A 309 6.13 28.55 18.97
CA SER A 309 6.11 28.21 20.39
C SER A 309 6.22 26.70 20.63
N ASP A 310 6.01 25.93 19.57
CA ASP A 310 6.23 24.49 19.58
C ASP A 310 6.44 24.08 18.11
N THR A 311 6.53 22.79 17.84
CA THR A 311 6.73 22.33 16.46
C THR A 311 5.45 22.59 15.67
N PRO A 312 5.57 22.85 14.35
CA PRO A 312 4.34 22.98 13.56
C PRO A 312 3.37 21.79 13.75
N GLU A 313 3.91 20.59 13.87
CA GLU A 313 3.07 19.40 14.04
C GLU A 313 2.23 19.51 15.31
N ALA A 314 2.88 19.89 16.41
CA ALA A 314 2.17 20.05 17.68
C ALA A 314 1.16 21.19 17.56
N LEU A 315 1.56 22.28 16.92
CA LEU A 315 0.69 23.46 16.82
C LEU A 315 -0.55 23.20 15.94
N ILE A 316 -0.39 22.55 14.78
CA ILE A 316 -1.56 22.20 13.98
C ILE A 316 -2.48 21.14 14.65
N ASN A 317 -1.95 20.30 15.55
CA ASN A 317 -2.79 19.28 16.22
C ASN A 317 -3.61 19.82 17.39
N THR A 318 -3.11 20.85 18.08
CA THR A 318 -3.79 21.40 19.25
C THR A 318 -4.48 22.74 19.01
N GLY A 319 -4.39 23.27 17.80
CA GLY A 319 -4.89 24.61 17.53
C GLY A 319 -6.40 24.73 17.31
N ASP A 320 -6.95 25.88 17.69
CA ASP A 320 -8.32 26.26 17.38
C ASP A 320 -8.32 27.16 16.13
N PHE A 321 -8.80 26.65 15.00
CA PHE A 321 -8.79 27.40 13.75
C PHE A 321 -10.19 27.78 13.28
N GLN A 322 -11.15 27.93 14.19
CA GLN A 322 -12.51 28.27 13.83
C GLN A 322 -12.60 29.51 12.93
N ASP A 323 -11.75 30.50 13.16
CA ASP A 323 -11.79 31.76 12.41
C ASP A 323 -10.96 31.72 11.09
N LEU A 324 -10.63 30.54 10.60
CA LEU A 324 -9.61 30.49 9.53
C LEU A 324 -10.25 29.94 8.29
N GLN A 325 -10.15 30.73 7.23
CA GLN A 325 -10.51 30.26 5.91
C GLN A 325 -9.21 30.15 5.18
N VAL A 326 -8.95 28.98 4.59
CA VAL A 326 -7.65 28.67 3.93
C VAL A 326 -7.86 27.98 2.57
N LEU A 327 -7.00 28.29 1.61
CA LEU A 327 -7.02 27.60 0.32
C LEU A 327 -5.65 26.94 0.21
N VAL A 328 -5.62 25.62 -0.05
CA VAL A 328 -4.34 24.87 -0.12
C VAL A 328 -4.31 23.95 -1.34
N GLY A 329 -3.14 23.64 -1.89
CA GLY A 329 -3.08 22.65 -2.97
C GLY A 329 -1.72 22.34 -3.48
N VAL A 330 -1.68 21.61 -4.61
CA VAL A 330 -0.47 20.97 -5.11
C VAL A 330 -0.50 20.90 -6.64
N VAL A 331 0.66 20.73 -7.26
CA VAL A 331 0.73 20.50 -8.71
C VAL A 331 0.84 19.00 -8.93
N LYS A 332 0.66 18.55 -10.17
CA LYS A 332 0.57 17.13 -10.46
C LYS A 332 1.88 16.40 -10.19
N ASP A 333 3.02 17.07 -10.41
CA ASP A 333 4.33 16.44 -10.31
C ASP A 333 5.31 17.22 -9.42
N GLU A 334 4.99 17.29 -8.13
CA GLU A 334 5.78 18.08 -7.19
C GLU A 334 7.27 17.72 -7.14
N GLY A 335 7.59 16.44 -7.30
CA GLY A 335 8.95 15.96 -7.11
C GLY A 335 9.90 16.01 -8.29
N SER A 336 9.37 16.03 -9.52
CA SER A 336 10.22 15.81 -10.72
C SER A 336 11.41 16.75 -10.80
N TYR A 337 11.16 18.02 -10.53
CA TYR A 337 12.15 19.11 -10.62
C TYR A 337 13.43 18.80 -9.84
N PHE A 338 13.23 18.27 -8.63
CA PHE A 338 14.30 18.09 -7.67
C PHE A 338 15.24 16.93 -7.96
N LEU A 339 14.77 16.01 -8.79
CA LEU A 339 15.54 14.81 -9.09
C LEU A 339 16.81 15.10 -9.90
N VAL A 340 16.78 16.14 -10.71
CA VAL A 340 17.93 16.51 -11.54
C VAL A 340 19.02 17.27 -10.76
N TYR A 341 18.73 17.63 -9.52
CA TYR A 341 19.69 18.31 -8.64
C TYR A 341 20.32 17.36 -7.60
N GLY A 342 20.50 16.08 -7.94
CA GLY A 342 21.09 15.18 -6.95
C GLY A 342 20.92 13.68 -7.10
N VAL A 343 19.87 13.21 -7.77
CA VAL A 343 19.69 11.77 -7.90
C VAL A 343 20.44 11.25 -9.11
N PRO A 344 21.44 10.36 -8.89
CA PRO A 344 22.08 9.83 -10.09
C PRO A 344 21.07 9.10 -10.99
N GLY A 345 21.25 9.30 -12.31
CA GLY A 345 20.36 8.77 -13.32
C GLY A 345 19.46 9.80 -13.98
N PHE A 346 19.27 10.94 -13.31
CA PHE A 346 18.31 11.96 -13.74
C PHE A 346 18.98 13.16 -14.44
N SER A 347 18.31 13.65 -15.49
CA SER A 347 18.81 14.77 -16.27
C SER A 347 17.65 15.36 -17.01
N LYS A 348 17.68 16.68 -17.22
CA LYS A 348 16.65 17.37 -17.98
C LYS A 348 16.79 17.09 -19.47
N ASP A 349 17.95 16.59 -19.90
CA ASP A 349 18.30 16.44 -21.31
C ASP A 349 18.17 15.03 -21.86
N ASN A 350 17.68 14.11 -21.04
CA ASN A 350 17.23 12.80 -21.52
C ASN A 350 16.01 12.36 -20.73
N GLU A 351 15.51 11.16 -21.02
CA GLU A 351 14.26 10.66 -20.47
C GLU A 351 14.37 10.13 -19.04
N SER A 352 15.59 10.00 -18.54
CA SER A 352 15.80 9.66 -17.14
C SER A 352 15.20 8.31 -16.77
N LEU A 353 15.26 7.37 -17.70
CA LEU A 353 14.83 6.00 -17.48
C LEU A 353 15.87 5.33 -16.56
N ILE A 354 15.55 5.17 -15.29
CA ILE A 354 16.50 4.63 -14.32
C ILE A 354 16.32 3.12 -14.04
N SER A 355 17.32 2.55 -13.39
CA SER A 355 17.30 1.18 -12.96
C SER A 355 16.74 1.05 -11.56
N ARG A 356 16.52 -0.19 -11.15
CA ARG A 356 16.00 -0.44 -9.84
C ARG A 356 17.03 -0.08 -8.76
N ALA A 357 18.29 -0.37 -9.04
CA ALA A 357 19.42 0.04 -8.19
C ALA A 357 19.47 1.55 -8.04
N GLN A 358 19.24 2.28 -9.14
CA GLN A 358 19.18 3.73 -9.08
C GLN A 358 17.97 4.25 -8.32
N PHE A 359 16.86 3.50 -8.38
CA PHE A 359 15.67 3.84 -7.58
C PHE A 359 15.96 3.70 -6.10
N LEU A 360 16.55 2.59 -5.68
CA LEU A 360 16.87 2.39 -4.26
C LEU A 360 17.82 3.47 -3.74
N ALA A 361 18.90 3.73 -4.50
CA ALA A 361 19.86 4.84 -4.24
C ALA A 361 19.22 6.20 -4.10
N GLY A 362 18.34 6.53 -5.06
CA GLY A 362 17.57 7.76 -5.04
C GLY A 362 16.66 7.93 -3.84
N VAL A 363 16.04 6.85 -3.38
CA VAL A 363 15.17 6.89 -2.18
C VAL A 363 15.97 7.25 -0.93
N ARG A 364 17.23 6.82 -0.87
CA ARG A 364 18.08 7.21 0.26
C ARG A 364 18.30 8.71 0.24
N ILE A 365 18.46 9.27 -0.96
CA ILE A 365 18.64 10.70 -1.15
C ILE A 365 17.34 11.51 -1.02
N GLY A 366 16.24 10.96 -1.49
CA GLY A 366 14.95 11.61 -1.43
C GLY A 366 14.24 11.54 -0.10
N VAL A 367 14.65 10.57 0.74
CA VAL A 367 14.08 10.39 2.07
C VAL A 367 15.27 10.26 3.01
N PRO A 368 16.02 11.35 3.18
CA PRO A 368 17.37 11.28 3.75
C PRO A 368 17.41 10.91 5.20
N GLN A 369 16.33 11.21 5.91
CA GLN A 369 16.23 10.93 7.34
C GLN A 369 15.72 9.51 7.65
N ALA A 370 15.44 8.71 6.62
CA ALA A 370 14.88 7.36 6.76
C ALA A 370 15.93 6.34 7.14
N SER A 371 15.59 5.48 8.10
CA SER A 371 16.37 4.29 8.42
C SER A 371 16.42 3.36 7.21
N ASP A 372 17.17 2.28 7.31
CA ASP A 372 17.22 1.29 6.25
C ASP A 372 15.84 0.61 6.12
N LEU A 373 15.19 0.35 7.24
CA LEU A 373 13.88 -0.33 7.22
C LEU A 373 12.81 0.57 6.59
N ALA A 374 12.80 1.84 7.02
CA ALA A 374 11.90 2.84 6.46
C ALA A 374 12.11 3.03 4.96
N ALA A 375 13.37 3.10 4.53
CA ALA A 375 13.68 3.25 3.10
C ALA A 375 13.17 2.06 2.31
N GLU A 376 13.25 0.86 2.88
CA GLU A 376 12.80 -0.33 2.15
C GLU A 376 11.27 -0.40 2.13
N ALA A 377 10.63 0.05 3.20
CA ALA A 377 9.18 0.24 3.18
C ALA A 377 8.76 1.16 2.04
N VAL A 378 9.52 2.23 1.81
CA VAL A 378 9.19 3.18 0.74
C VAL A 378 9.32 2.52 -0.61
N VAL A 379 10.44 1.83 -0.82
CA VAL A 379 10.70 1.13 -2.09
C VAL A 379 9.64 0.07 -2.37
N LEU A 380 9.23 -0.63 -1.33
CA LEU A 380 8.25 -1.69 -1.49
C LEU A 380 6.87 -1.12 -1.78
N HIS A 381 6.51 -0.02 -1.12
CA HIS A 381 5.26 0.64 -1.37
C HIS A 381 5.16 1.22 -2.78
N TYR A 382 6.27 1.76 -3.28
CA TYR A 382 6.23 2.50 -4.53
C TYR A 382 6.56 1.65 -5.72
N THR A 383 6.99 0.39 -5.50
CA THR A 383 7.24 -0.55 -6.59
C THR A 383 5.92 -1.00 -7.20
N ASP A 384 5.93 -1.08 -8.54
CA ASP A 384 4.86 -1.74 -9.26
C ASP A 384 5.26 -3.19 -9.40
N TRP A 385 4.66 -4.06 -8.58
CA TRP A 385 5.11 -5.46 -8.51
C TRP A 385 4.73 -6.27 -9.74
N LEU A 386 3.95 -5.69 -10.65
CA LEU A 386 3.73 -6.24 -11.97
C LEU A 386 4.87 -5.91 -12.95
N HIS A 387 5.59 -4.83 -12.66
CA HIS A 387 6.67 -4.35 -13.54
C HIS A 387 7.80 -3.74 -12.68
N PRO A 388 8.46 -4.57 -11.86
CA PRO A 388 9.35 -4.00 -10.84
C PRO A 388 10.70 -3.49 -11.38
N GLU A 389 10.98 -3.74 -12.65
CA GLU A 389 12.22 -3.38 -13.28
C GLU A 389 12.00 -2.40 -14.44
N ASP A 390 10.78 -1.88 -14.58
CA ASP A 390 10.47 -1.03 -15.70
C ASP A 390 10.99 0.36 -15.41
N PRO A 391 11.93 0.84 -16.21
CA PRO A 391 12.60 2.10 -15.92
C PRO A 391 11.70 3.33 -16.00
N THR A 392 10.64 3.29 -16.80
CA THR A 392 9.66 4.37 -16.84
C THR A 392 8.87 4.44 -15.54
N HIS A 393 8.35 3.32 -15.03
N HIS A 393 8.38 3.30 -15.06
CA HIS A 393 7.65 3.42 -13.73
CA HIS A 393 7.66 3.22 -13.77
C HIS A 393 8.63 3.79 -12.63
C HIS A 393 8.56 3.62 -12.60
N LEU A 394 9.84 3.25 -12.67
CA LEU A 394 10.81 3.56 -11.60
C LEU A 394 11.13 5.07 -11.52
N ARG A 395 11.29 5.70 -12.68
CA ARG A 395 11.52 7.14 -12.76
C ARG A 395 10.37 7.89 -12.13
N ASP A 396 9.16 7.50 -12.49
CA ASP A 396 7.97 8.21 -12.05
C ASP A 396 7.63 7.94 -10.59
N ALA A 397 7.99 6.75 -10.09
CA ALA A 397 7.89 6.46 -8.63
C ALA A 397 8.90 7.27 -7.80
N MET A 398 10.06 7.50 -8.38
CA MET A 398 11.08 8.31 -7.74
C MET A 398 10.57 9.73 -7.61
N SER A 399 10.00 10.26 -8.70
CA SER A 399 9.35 11.58 -8.65
C SER A 399 8.25 11.61 -7.58
N ALA A 400 7.38 10.61 -7.59
CA ALA A 400 6.25 10.53 -6.64
C ALA A 400 6.69 10.46 -5.17
N VAL A 401 7.77 9.73 -4.90
CA VAL A 401 8.30 9.61 -3.52
C VAL A 401 8.64 10.99 -2.98
N VAL A 402 9.46 11.71 -3.73
CA VAL A 402 9.94 13.03 -3.37
C VAL A 402 8.78 14.04 -3.22
N GLY A 403 7.89 14.06 -4.20
CA GLY A 403 6.72 14.92 -4.14
C GLY A 403 5.77 14.62 -3.00
N ASP A 404 5.51 13.34 -2.75
CA ASP A 404 4.51 12.93 -1.74
C ASP A 404 5.01 13.20 -0.34
N HIS A 405 6.27 12.84 -0.10
CA HIS A 405 6.91 13.02 1.20
C HIS A 405 7.07 14.48 1.60
N ASN A 406 7.49 15.30 0.63
CA ASN A 406 7.85 16.69 0.91
C ASN A 406 6.72 17.69 0.73
N VAL A 407 5.71 17.38 -0.11
CA VAL A 407 4.62 18.31 -0.37
C VAL A 407 3.20 17.70 -0.22
N VAL A 408 2.89 16.69 -1.01
CA VAL A 408 1.48 16.24 -1.11
C VAL A 408 0.97 15.73 0.22
N CYS A 409 1.76 14.91 0.91
CA CYS A 409 1.24 14.34 2.17
C CYS A 409 1.26 15.30 3.36
N PRO A 410 2.27 16.16 3.45
CA PRO A 410 2.13 17.28 4.38
C PRO A 410 0.91 18.18 4.16
N VAL A 411 0.58 18.45 2.90
CA VAL A 411 -0.60 19.25 2.61
C VAL A 411 -1.88 18.53 3.04
N ALA A 412 -2.00 17.26 2.65
CA ALA A 412 -3.12 16.39 3.02
C ALA A 412 -3.28 16.41 4.53
N GLN A 413 -2.19 16.10 5.20
CA GLN A 413 -2.10 16.40 6.61
C GLN A 413 -2.58 17.71 7.22
N LEU A 414 -2.03 18.81 6.70
CA LEU A 414 -2.46 20.15 7.12
C LEU A 414 -3.96 20.34 6.89
N ALA A 415 -4.42 20.02 5.68
CA ALA A 415 -5.84 20.23 5.32
C ALA A 415 -6.77 19.50 6.26
N GLY A 416 -6.39 18.29 6.63
CA GLY A 416 -7.20 17.49 7.56
C GLY A 416 -7.20 18.03 8.97
N ARG A 417 -6.02 18.38 9.49
CA ARG A 417 -5.98 18.96 10.84
C ARG A 417 -6.78 20.28 10.91
N LEU A 418 -6.61 21.13 9.90
CA LEU A 418 -7.32 22.42 9.86
C LEU A 418 -8.81 22.22 9.78
N ALA A 419 -9.26 21.38 8.84
CA ALA A 419 -10.66 21.06 8.72
C ALA A 419 -11.23 20.45 10.02
N ALA A 420 -10.48 19.54 10.64
CA ALA A 420 -10.92 18.89 11.86
C ALA A 420 -11.10 19.87 13.01
N GLN A 421 -10.35 20.97 12.96
CA GLN A 421 -10.30 21.93 14.05
C GLN A 421 -10.92 23.29 13.72
N GLY A 422 -11.91 23.30 12.82
CA GLY A 422 -12.77 24.47 12.61
C GLY A 422 -12.53 25.29 11.35
N ALA A 423 -11.35 25.16 10.75
CA ALA A 423 -11.06 25.95 9.55
C ALA A 423 -12.01 25.61 8.41
N ARG A 424 -12.36 26.61 7.60
CA ARG A 424 -13.00 26.39 6.31
CA ARG A 424 -13.01 26.40 6.32
C ARG A 424 -11.90 26.22 5.31
N VAL A 425 -11.74 25.01 4.76
CA VAL A 425 -10.61 24.67 3.86
C VAL A 425 -11.08 24.37 2.45
N TYR A 426 -10.30 24.78 1.45
CA TYR A 426 -10.54 24.48 0.02
C TYR A 426 -9.26 23.92 -0.52
N ALA A 427 -9.32 22.78 -1.22
CA ALA A 427 -8.09 22.10 -1.69
C ALA A 427 -8.15 21.90 -3.19
N TYR A 428 -7.00 21.94 -3.86
CA TYR A 428 -6.96 21.70 -5.30
C TYR A 428 -5.78 20.82 -5.64
N ILE A 429 -5.82 20.28 -6.86
CA ILE A 429 -4.62 19.80 -7.56
C ILE A 429 -4.57 20.49 -8.92
N PHE A 430 -3.40 21.03 -9.26
CA PHE A 430 -3.22 21.79 -10.50
C PHE A 430 -2.58 20.87 -11.51
N GLU A 431 -3.23 20.68 -12.65
CA GLU A 431 -2.76 19.65 -13.58
C GLU A 431 -2.54 20.14 -15.01
N HIS A 432 -2.42 21.45 -15.22
CA HIS A 432 -2.12 21.92 -16.56
C HIS A 432 -0.63 22.21 -16.73
N ARG A 433 -0.02 21.58 -17.73
CA ARG A 433 1.38 21.83 -18.08
C ARG A 433 1.43 23.01 -19.03
N ALA A 434 2.08 24.11 -18.61
CA ALA A 434 2.19 25.29 -19.46
C ALA A 434 2.74 24.87 -20.79
N SER A 435 2.15 25.41 -21.86
CA SER A 435 2.56 25.09 -23.22
C SER A 435 3.94 25.64 -23.58
N THR A 436 4.42 26.59 -22.77
CA THR A 436 5.69 27.26 -23.00
C THR A 436 6.81 26.70 -22.11
N LEU A 437 6.57 25.57 -21.44
CA LEU A 437 7.53 25.02 -20.48
C LEU A 437 8.74 24.49 -21.22
N THR A 438 9.93 24.74 -20.68
CA THR A 438 11.19 24.32 -21.33
C THR A 438 11.79 23.08 -20.68
N TRP A 439 11.26 22.67 -19.53
CA TRP A 439 11.63 21.38 -18.95
C TRP A 439 11.03 20.25 -19.78
N PRO A 440 11.66 19.06 -19.74
CA PRO A 440 11.23 17.99 -20.62
C PRO A 440 9.89 17.45 -20.18
N LEU A 441 9.21 16.77 -21.09
CA LEU A 441 7.87 16.27 -20.84
C LEU A 441 7.79 15.31 -19.66
N TRP A 442 8.84 14.52 -19.44
CA TRP A 442 8.79 13.50 -18.40
C TRP A 442 8.54 14.14 -17.05
N MET A 443 8.89 15.42 -16.89
CA MET A 443 8.73 16.11 -15.59
C MET A 443 7.31 16.54 -15.29
N GLY A 444 6.41 16.41 -16.27
CA GLY A 444 5.01 16.67 -16.04
C GLY A 444 4.69 18.14 -15.76
N VAL A 445 3.96 18.37 -14.67
CA VAL A 445 3.56 19.70 -14.23
C VAL A 445 4.35 19.93 -12.96
N PRO A 446 5.57 20.52 -13.09
CA PRO A 446 6.48 20.57 -11.97
C PRO A 446 6.19 21.67 -10.99
N HIS A 447 6.84 21.54 -9.83
CA HIS A 447 6.76 22.46 -8.73
C HIS A 447 6.99 23.90 -9.20
N GLY A 448 6.08 24.79 -8.82
CA GLY A 448 6.17 26.21 -9.21
C GLY A 448 5.53 26.65 -10.53
N TYR A 449 5.01 25.71 -11.32
CA TYR A 449 4.51 26.06 -12.65
C TYR A 449 3.00 26.32 -12.75
N GLU A 450 2.39 26.51 -11.59
CA GLU A 450 1.04 27.07 -11.50
C GLU A 450 1.09 28.57 -11.24
N ILE A 451 2.21 29.08 -10.77
CA ILE A 451 2.26 30.44 -10.24
C ILE A 451 1.95 31.44 -11.36
N GLU A 452 2.60 31.22 -12.49
CA GLU A 452 2.43 32.09 -13.65
C GLU A 452 1.00 32.19 -14.15
N PHE A 453 0.17 31.19 -13.88
CA PHE A 453 -1.28 31.26 -14.22
C PHE A 453 -2.08 32.06 -13.23
N ILE A 454 -1.74 31.92 -11.95
CA ILE A 454 -2.48 32.63 -10.91
C ILE A 454 -2.22 34.14 -11.03
N PHE A 455 -0.98 34.52 -11.31
CA PHE A 455 -0.61 35.92 -11.49
C PHE A 455 -1.03 36.50 -12.85
N GLY A 456 -1.39 35.64 -13.78
CA GLY A 456 -2.00 36.07 -15.04
C GLY A 456 -1.07 36.35 -16.19
N LEU A 457 0.14 35.84 -16.14
CA LEU A 457 1.09 36.08 -17.23
C LEU A 457 0.59 35.71 -18.63
N PRO A 458 -0.23 34.65 -18.78
CA PRO A 458 -0.76 34.35 -20.14
C PRO A 458 -1.54 35.45 -20.83
N LEU A 459 -2.05 36.40 -20.05
CA LEU A 459 -2.78 37.55 -20.60
C LEU A 459 -1.88 38.46 -21.45
N ASP A 460 -0.56 38.39 -21.25
CA ASP A 460 0.42 39.20 -21.98
C ASP A 460 0.66 38.52 -23.32
N PRO A 461 0.17 39.13 -24.41
CA PRO A 461 0.27 38.39 -25.66
C PRO A 461 1.72 38.14 -26.09
N SER A 462 2.64 39.02 -25.69
CA SER A 462 4.06 38.85 -26.01
C SER A 462 4.68 37.55 -25.50
N LEU A 463 3.98 36.85 -24.59
CA LEU A 463 4.51 35.64 -23.97
C LEU A 463 4.18 34.32 -24.67
N ASN A 464 3.34 34.34 -25.69
CA ASN A 464 3.11 33.17 -26.53
C ASN A 464 2.33 31.99 -25.89
N TYR A 465 1.57 32.24 -24.83
CA TYR A 465 0.64 31.24 -24.36
C TYR A 465 -0.53 31.07 -25.33
N THR A 466 -1.24 29.95 -25.25
CA THR A 466 -2.43 29.73 -26.07
C THR A 466 -3.61 30.54 -25.54
N THR A 467 -4.63 30.67 -26.38
CA THR A 467 -5.88 31.35 -26.03
C THR A 467 -6.57 30.66 -24.87
N GLU A 468 -6.59 29.34 -24.93
CA GLU A 468 -7.19 28.48 -23.92
C GLU A 468 -6.51 28.75 -22.60
N GLU A 469 -5.18 28.87 -22.63
CA GLU A 469 -4.37 29.18 -21.44
C GLU A 469 -4.69 30.55 -20.85
N ARG A 470 -4.95 31.53 -21.70
CA ARG A 470 -5.45 32.84 -21.26
C ARG A 470 -6.80 32.75 -20.51
N ILE A 471 -7.77 32.00 -21.05
CA ILE A 471 -9.07 31.80 -20.39
C ILE A 471 -8.88 31.12 -19.02
N PHE A 472 -8.02 30.11 -19.00
CA PHE A 472 -7.73 29.34 -17.81
C PHE A 472 -7.07 30.22 -16.76
N ALA A 473 -6.14 31.08 -17.17
CA ALA A 473 -5.53 32.03 -16.25
C ALA A 473 -6.60 32.94 -15.62
N GLN A 474 -7.51 33.44 -16.43
CA GLN A 474 -8.59 34.31 -15.93
C GLN A 474 -9.50 33.64 -14.91
N ARG A 475 -9.80 32.35 -15.13
CA ARG A 475 -10.54 31.54 -14.14
C ARG A 475 -9.81 31.46 -12.81
N LEU A 476 -8.50 31.16 -12.84
CA LEU A 476 -7.72 31.01 -11.61
C LEU A 476 -7.62 32.31 -10.85
N MET A 477 -7.36 33.40 -11.57
CA MET A 477 -7.29 34.73 -10.95
C MET A 477 -8.61 35.07 -10.28
N LYS A 478 -9.72 34.64 -10.88
CA LYS A 478 -11.03 34.83 -10.25
C LYS A 478 -11.25 33.99 -9.00
N TYR A 479 -10.85 32.71 -9.02
CA TYR A 479 -10.96 31.86 -7.83
C TYR A 479 -10.15 32.45 -6.67
N TRP A 480 -8.92 32.85 -6.98
CA TRP A 480 -8.02 33.39 -5.96
C TRP A 480 -8.52 34.71 -5.35
N THR A 481 -9.06 35.59 -6.20
CA THR A 481 -9.54 36.90 -5.75
C THR A 481 -10.90 36.82 -5.13
N ASN A 482 -11.75 35.91 -5.62
CA ASN A 482 -12.99 35.62 -4.93
C ASN A 482 -12.74 35.12 -3.51
N PHE A 483 -11.75 34.25 -3.36
CA PHE A 483 -11.38 33.73 -2.04
C PHE A 483 -10.90 34.86 -1.10
N ALA A 484 -9.94 35.63 -1.61
CA ALA A 484 -9.47 36.85 -0.96
C ALA A 484 -10.61 37.74 -0.49
N ARG A 485 -11.56 37.98 -1.37
CA ARG A 485 -12.69 38.87 -1.12
C ARG A 485 -13.66 38.32 -0.10
N THR A 486 -14.00 37.04 -0.23
CA THR A 486 -15.17 36.48 0.47
C THR A 486 -14.88 35.26 1.35
N GLY A 487 -13.71 34.67 1.18
CA GLY A 487 -13.38 33.41 1.83
C GLY A 487 -13.95 32.19 1.14
N ASP A 488 -14.38 32.37 -0.12
CA ASP A 488 -15.02 31.33 -0.90
C ASP A 488 -14.64 31.57 -2.36
N PRO A 489 -13.99 30.59 -3.01
CA PRO A 489 -13.51 30.86 -4.36
C PRO A 489 -14.60 30.81 -5.45
N ASN A 490 -15.81 30.41 -5.08
CA ASN A 490 -16.91 30.36 -6.03
C ASN A 490 -17.53 31.74 -6.25
N ASP A 491 -18.08 31.94 -7.44
CA ASP A 491 -18.85 33.15 -7.75
C ASP A 491 -20.32 32.93 -7.34
N PRO A 492 -20.88 33.84 -6.54
CA PRO A 492 -22.26 33.67 -6.06
C PRO A 492 -23.33 33.73 -7.16
N ARG A 493 -23.12 34.62 -8.13
CA ARG A 493 -24.12 34.84 -9.20
C ARG A 493 -24.08 33.71 -10.23
N ASP A 494 -22.87 33.31 -10.63
CA ASP A 494 -22.67 32.19 -11.57
C ASP A 494 -22.96 30.84 -10.89
N SER A 495 -24.17 30.33 -11.07
CA SER A 495 -24.56 29.01 -10.55
C SER A 495 -24.34 27.88 -11.56
N LYS A 496 -24.32 28.22 -12.86
CA LYS A 496 -24.12 27.24 -13.94
C LYS A 496 -22.77 26.50 -13.88
N SER A 497 -21.69 27.22 -13.58
CA SER A 497 -20.38 26.59 -13.45
C SER A 497 -20.38 25.59 -12.29
N PRO A 498 -19.60 24.52 -12.42
CA PRO A 498 -19.48 23.59 -11.30
C PRO A 498 -18.82 24.25 -10.08
N GLN A 499 -19.28 23.86 -8.90
CA GLN A 499 -18.88 24.45 -7.63
C GLN A 499 -17.72 23.72 -7.00
N TRP A 500 -16.86 24.48 -6.32
CA TRP A 500 -15.75 23.97 -5.55
C TRP A 500 -16.21 23.82 -4.09
N PRO A 501 -16.33 22.57 -3.61
CA PRO A 501 -16.81 22.35 -2.25
C PRO A 501 -15.67 22.38 -1.25
N PRO A 502 -15.94 22.78 0.00
CA PRO A 502 -14.87 22.77 0.99
C PRO A 502 -14.34 21.34 1.29
N TYR A 503 -13.05 21.26 1.59
CA TYR A 503 -12.44 20.02 2.06
C TYR A 503 -12.89 19.72 3.48
N THR A 504 -13.40 18.52 3.70
CA THR A 504 -13.74 18.05 5.03
C THR A 504 -13.07 16.70 5.29
N THR A 505 -12.92 16.35 6.56
CA THR A 505 -12.43 15.01 6.89
C THR A 505 -13.44 13.93 6.44
N ALA A 506 -14.73 14.20 6.57
CA ALA A 506 -15.73 13.21 6.18
C ALA A 506 -15.63 12.87 4.70
N ALA A 507 -15.65 13.89 3.83
CA ALA A 507 -15.74 13.66 2.39
C ALA A 507 -14.42 13.86 1.65
N GLN A 508 -13.48 14.61 2.22
CA GLN A 508 -12.13 14.76 1.63
C GLN A 508 -12.09 15.27 0.19
N GLN A 509 -13.03 16.15 -0.15
CA GLN A 509 -13.17 16.66 -1.51
C GLN A 509 -12.20 17.76 -1.91
N TYR A 510 -11.82 17.74 -3.19
CA TYR A 510 -10.93 18.71 -3.77
C TYR A 510 -11.16 18.77 -5.26
N VAL A 511 -10.67 19.83 -5.92
CA VAL A 511 -10.99 20.02 -7.33
C VAL A 511 -9.73 19.92 -8.18
N SER A 512 -9.89 19.44 -9.40
CA SER A 512 -8.79 19.51 -10.37
C SER A 512 -8.78 20.88 -11.06
N LEU A 513 -7.61 21.54 -11.08
CA LEU A 513 -7.47 22.77 -11.87
C LEU A 513 -6.79 22.45 -13.18
N ASN A 514 -7.55 22.50 -14.28
CA ASN A 514 -7.01 22.30 -15.64
C ASN A 514 -7.88 23.01 -16.67
N LEU A 515 -7.56 22.83 -17.95
CA LEU A 515 -8.31 23.50 -19.05
C LEU A 515 -9.78 23.14 -19.10
N LYS A 516 -10.17 22.07 -18.42
CA LYS A 516 -11.57 21.62 -18.40
C LYS A 516 -12.28 22.21 -17.18
N PRO A 517 -13.61 22.27 -17.22
CA PRO A 517 -14.32 22.77 -16.04
C PRO A 517 -14.00 21.96 -14.78
N LEU A 518 -14.13 22.59 -13.60
CA LEU A 518 -13.83 21.95 -12.32
C LEU A 518 -14.44 20.57 -12.17
N GLU A 519 -13.61 19.62 -11.79
CA GLU A 519 -14.03 18.27 -11.44
C GLU A 519 -13.71 18.04 -9.96
N VAL A 520 -14.72 17.65 -9.19
CA VAL A 520 -14.55 17.32 -7.78
C VAL A 520 -14.00 15.90 -7.70
N ARG A 521 -12.98 15.70 -6.86
CA ARG A 521 -12.42 14.38 -6.59
C ARG A 521 -12.40 14.16 -5.10
N ARG A 522 -12.22 12.92 -4.68
CA ARG A 522 -12.24 12.57 -3.25
C ARG A 522 -10.96 11.89 -2.82
N GLY A 523 -10.38 12.38 -1.72
CA GLY A 523 -9.19 11.80 -1.12
C GLY A 523 -7.95 12.24 -1.86
N LEU A 524 -7.17 13.12 -1.23
CA LEU A 524 -5.92 13.58 -1.82
C LEU A 524 -4.84 12.57 -1.47
N ARG A 525 -4.74 11.57 -2.32
CA ARG A 525 -3.71 10.56 -2.23
C ARG A 525 -3.80 9.79 -0.91
N ALA A 526 -5.03 9.44 -0.55
CA ALA A 526 -5.39 8.92 0.77
C ALA A 526 -4.58 7.70 1.22
N GLN A 527 -4.39 6.69 0.38
CA GLN A 527 -3.70 5.47 0.84
C GLN A 527 -2.22 5.72 1.07
N THR A 528 -1.55 6.27 0.06
CA THR A 528 -0.14 6.61 0.16
C THR A 528 0.14 7.59 1.29
N CYS A 529 -0.72 8.56 1.53
CA CYS A 529 -0.44 9.51 2.61
C CYS A 529 -0.69 8.91 3.99
N ALA A 530 -1.50 7.88 4.05
CA ALA A 530 -1.62 7.07 5.26
C ALA A 530 -0.29 6.40 5.55
N PHE A 531 0.38 5.94 4.50
CA PHE A 531 1.70 5.38 4.64
C PHE A 531 2.64 6.41 5.28
N TRP A 532 2.80 7.57 4.63
CA TRP A 532 3.73 8.61 5.13
C TRP A 532 3.33 9.19 6.48
N ASN A 533 2.05 9.48 6.66
CA ASN A 533 1.57 10.22 7.84
C ASN A 533 1.17 9.38 9.04
N ARG A 534 0.88 8.11 8.82
CA ARG A 534 0.43 7.23 9.90
C ARG A 534 1.38 6.06 10.13
N PHE A 535 1.86 5.43 9.06
CA PHE A 535 2.69 4.26 9.25
C PHE A 535 4.10 4.62 9.66
N LEU A 536 4.83 5.36 8.82
CA LEU A 536 6.24 5.66 9.13
C LEU A 536 6.45 6.30 10.52
N PRO A 537 5.64 7.30 10.89
CA PRO A 537 5.73 7.80 12.26
C PRO A 537 5.64 6.72 13.36
N LYS A 538 4.73 5.75 13.21
CA LYS A 538 4.61 4.65 14.17
C LYS A 538 5.80 3.68 14.10
N LEU A 539 6.41 3.55 12.93
CA LEU A 539 7.64 2.77 12.75
C LEU A 539 8.80 3.44 13.47
N LEU A 540 8.88 4.76 13.31
CA LEU A 540 9.91 5.60 13.96
C LEU A 540 10.01 5.40 15.48
N SER A 541 8.88 5.43 16.18
CA SER A 541 8.81 5.02 17.60
C SER A 541 9.10 3.50 17.80
N ALA A 542 10.35 3.09 17.54
CA ALA A 542 10.78 1.68 17.62
C ALA A 542 11.99 1.42 16.69
N GLU B 4 -22.48 -62.52 -10.28
CA GLU B 4 -21.08 -61.99 -10.19
C GLU B 4 -20.67 -61.31 -11.51
N ASP B 5 -20.61 -59.98 -11.48
CA ASP B 5 -20.24 -59.17 -12.65
C ASP B 5 -18.71 -59.06 -12.72
N PRO B 6 -18.10 -59.63 -13.77
CA PRO B 6 -16.63 -59.66 -13.86
C PRO B 6 -15.93 -58.31 -13.93
N GLN B 7 -16.65 -57.24 -14.27
CA GLN B 7 -16.09 -55.89 -14.22
C GLN B 7 -15.86 -55.44 -12.79
N LEU B 8 -16.64 -55.99 -11.86
CA LEU B 8 -16.59 -55.62 -10.46
C LEU B 8 -15.64 -56.50 -9.63
N LEU B 9 -14.98 -57.45 -10.27
CA LEU B 9 -14.05 -58.34 -9.57
C LEU B 9 -12.61 -58.01 -10.00
N VAL B 10 -11.81 -57.52 -9.06
CA VAL B 10 -10.41 -57.16 -9.34
C VAL B 10 -9.45 -57.88 -8.38
N ARG B 11 -8.31 -58.30 -8.90
CA ARG B 11 -7.23 -58.85 -8.09
C ARG B 11 -6.11 -57.82 -7.93
N VAL B 12 -5.85 -57.44 -6.69
CA VAL B 12 -4.74 -56.57 -6.34
C VAL B 12 -3.70 -57.42 -5.61
N ARG B 13 -2.53 -56.87 -5.28
CA ARG B 13 -1.46 -57.66 -4.69
C ARG B 13 -1.86 -58.39 -3.41
N GLY B 14 -2.73 -57.78 -2.60
CA GLY B 14 -3.14 -58.39 -1.34
C GLY B 14 -4.27 -59.38 -1.45
N GLY B 15 -4.90 -59.49 -2.61
CA GLY B 15 -5.99 -60.42 -2.83
C GLY B 15 -7.08 -59.87 -3.72
N GLN B 16 -8.25 -60.49 -3.64
CA GLN B 16 -9.38 -60.18 -4.49
C GLN B 16 -10.38 -59.21 -3.85
N LEU B 17 -10.96 -58.35 -4.70
CA LEU B 17 -11.91 -57.34 -4.27
C LEU B 17 -13.17 -57.46 -5.10
N ARG B 18 -14.31 -57.10 -4.50
CA ARG B 18 -15.54 -56.96 -5.24
C ARG B 18 -16.04 -55.56 -5.06
N GLY B 19 -16.24 -54.86 -6.17
CA GLY B 19 -16.75 -53.51 -6.17
C GLY B 19 -18.23 -53.47 -6.46
N ILE B 20 -18.74 -52.26 -6.63
CA ILE B 20 -20.16 -52.03 -6.82
C ILE B 20 -20.36 -51.10 -8.01
N ARG B 21 -21.37 -51.41 -8.80
CA ARG B 21 -21.70 -50.64 -9.98
C ARG B 21 -22.59 -49.49 -9.55
N LEU B 22 -22.13 -48.27 -9.79
CA LEU B 22 -22.86 -47.08 -9.39
C LEU B 22 -23.44 -46.37 -10.60
N LYS B 23 -24.51 -45.62 -10.37
CA LYS B 23 -25.18 -44.87 -11.43
C LYS B 23 -24.65 -43.44 -11.47
N ALA B 24 -24.05 -43.07 -12.59
CA ALA B 24 -23.73 -41.69 -12.86
C ALA B 24 -24.78 -41.20 -13.84
N PRO B 25 -25.00 -39.88 -13.92
CA PRO B 25 -26.04 -39.34 -14.77
C PRO B 25 -26.02 -39.87 -16.21
N GLY B 26 -24.83 -40.00 -16.81
CA GLY B 26 -24.73 -40.37 -18.22
C GLY B 26 -24.37 -41.81 -18.48
N GLY B 27 -24.29 -42.61 -17.41
CA GLY B 27 -23.89 -44.01 -17.51
C GLY B 27 -23.36 -44.57 -16.20
N PRO B 28 -23.10 -45.89 -16.15
CA PRO B 28 -22.55 -46.53 -14.96
C PRO B 28 -21.05 -46.36 -14.78
N VAL B 29 -20.60 -46.48 -13.53
CA VAL B 29 -19.18 -46.48 -13.18
C VAL B 29 -18.93 -47.63 -12.19
N SER B 30 -17.72 -48.15 -12.17
CA SER B 30 -17.33 -49.18 -11.20
C SER B 30 -16.66 -48.48 -10.03
N ALA B 31 -17.09 -48.79 -8.82
CA ALA B 31 -16.51 -48.22 -7.62
C ALA B 31 -16.02 -49.32 -6.68
N PHE B 32 -14.80 -49.14 -6.19
CA PHE B 32 -14.17 -50.02 -5.21
C PHE B 32 -13.84 -49.20 -3.99
N LEU B 33 -14.68 -49.32 -2.96
CA LEU B 33 -14.65 -48.45 -1.82
C LEU B 33 -14.20 -49.18 -0.55
N GLY B 34 -13.40 -48.51 0.28
CA GLY B 34 -12.98 -49.13 1.55
C GLY B 34 -11.95 -50.21 1.38
N ILE B 35 -11.03 -50.02 0.42
CA ILE B 35 -9.94 -50.94 0.21
C ILE B 35 -8.84 -50.63 1.22
N PRO B 36 -8.43 -51.61 2.06
CA PRO B 36 -7.41 -51.33 3.06
C PRO B 36 -6.04 -51.25 2.42
N PHE B 37 -5.27 -50.22 2.77
CA PHE B 37 -3.88 -50.05 2.25
C PHE B 37 -2.82 -50.11 3.35
N ALA B 38 -3.27 -50.18 4.59
CA ALA B 38 -2.37 -50.27 5.71
C ALA B 38 -2.96 -51.20 6.79
N GLU B 39 -2.10 -51.69 7.66
CA GLU B 39 -2.53 -52.34 8.88
C GLU B 39 -3.21 -51.30 9.76
N PRO B 40 -4.33 -51.65 10.40
CA PRO B 40 -4.97 -50.62 11.22
C PRO B 40 -4.01 -50.02 12.26
N PRO B 41 -3.88 -48.69 12.31
CA PRO B 41 -2.91 -48.05 13.18
C PRO B 41 -3.47 -47.88 14.59
N VAL B 42 -3.73 -49.00 15.24
CA VAL B 42 -4.42 -49.03 16.53
C VAL B 42 -3.52 -49.63 17.60
N GLY B 43 -3.86 -49.37 18.86
CA GLY B 43 -3.04 -49.82 19.98
C GLY B 43 -1.63 -49.24 19.93
N SER B 44 -0.63 -50.13 19.81
CA SER B 44 0.78 -49.73 19.85
C SER B 44 1.17 -49.00 18.60
N ARG B 45 0.37 -49.13 17.56
CA ARG B 45 0.68 -48.50 16.28
C ARG B 45 0.19 -47.05 16.19
N ARG B 46 -0.53 -46.58 17.21
CA ARG B 46 -0.89 -45.16 17.27
C ARG B 46 0.35 -44.28 17.34
N PHE B 47 0.30 -43.18 16.58
CA PHE B 47 1.41 -42.23 16.38
C PHE B 47 2.59 -42.79 15.57
N MET B 48 2.52 -44.07 15.18
CA MET B 48 3.64 -44.69 14.46
C MET B 48 3.39 -44.66 12.97
N PRO B 49 4.46 -44.69 12.14
CA PRO B 49 4.24 -44.83 10.70
C PRO B 49 3.37 -46.02 10.30
N PRO B 50 2.61 -45.89 9.19
CA PRO B 50 1.75 -46.98 8.77
C PRO B 50 2.54 -48.19 8.27
N GLU B 51 2.06 -49.41 8.52
CA GLU B 51 2.68 -50.60 7.92
C GLU B 51 1.81 -51.07 6.77
N PRO B 52 2.40 -51.68 5.75
CA PRO B 52 1.57 -52.20 4.65
C PRO B 52 0.56 -53.29 5.07
N LYS B 53 -0.62 -53.26 4.46
CA LYS B 53 -1.70 -54.20 4.74
C LYS B 53 -1.33 -55.62 4.39
N ARG B 54 -1.52 -56.52 5.35
CA ARG B 54 -1.30 -57.94 5.11
C ARG B 54 -2.30 -58.46 4.08
N PRO B 55 -1.87 -59.40 3.24
CA PRO B 55 -2.79 -59.97 2.24
C PRO B 55 -3.91 -60.73 2.89
N TRP B 56 -5.02 -60.90 2.16
CA TRP B 56 -6.26 -61.42 2.74
C TRP B 56 -6.81 -62.54 1.89
N SER B 57 -7.64 -63.38 2.51
CA SER B 57 -8.23 -64.55 1.88
C SER B 57 -9.50 -64.19 1.14
N GLY B 58 -9.89 -65.01 0.18
CA GLY B 58 -11.19 -64.88 -0.44
C GLY B 58 -11.36 -63.54 -1.12
N VAL B 59 -12.61 -63.09 -1.17
CA VAL B 59 -12.98 -61.88 -1.89
C VAL B 59 -13.40 -60.81 -0.90
N LEU B 60 -12.62 -59.74 -0.79
CA LEU B 60 -12.93 -58.65 0.14
C LEU B 60 -14.02 -57.75 -0.43
N ASP B 61 -15.02 -57.45 0.38
CA ASP B 61 -16.13 -56.59 -0.01
C ASP B 61 -15.74 -55.11 -0.03
N ALA B 62 -15.66 -54.53 -1.23
CA ALA B 62 -15.28 -53.12 -1.43
C ALA B 62 -16.44 -52.37 -2.09
N THR B 63 -17.64 -52.49 -1.51
CA THR B 63 -18.84 -51.90 -2.09
C THR B 63 -19.35 -50.72 -1.27
N THR B 64 -18.64 -50.42 -0.19
CA THR B 64 -19.12 -49.47 0.79
C THR B 64 -17.93 -48.67 1.38
N PHE B 65 -18.19 -47.42 1.76
CA PHE B 65 -17.15 -46.57 2.36
C PHE B 65 -16.81 -47.08 3.74
N GLN B 66 -15.54 -46.97 4.09
CA GLN B 66 -15.08 -47.39 5.42
C GLN B 66 -15.16 -46.23 6.43
N ASN B 67 -14.74 -46.50 7.66
CA ASN B 67 -14.81 -45.51 8.72
C ASN B 67 -13.97 -44.26 8.49
N VAL B 68 -14.41 -43.16 9.09
CA VAL B 68 -13.68 -41.89 9.04
C VAL B 68 -12.61 -41.88 10.14
N CYS B 69 -11.41 -41.38 9.83
CA CYS B 69 -10.35 -41.31 10.83
C CYS B 69 -10.83 -40.50 12.02
N TYR B 70 -10.40 -40.89 13.22
CA TYR B 70 -10.93 -40.26 14.44
C TYR B 70 -10.60 -38.77 14.44
N GLN B 71 -11.62 -37.95 14.66
CA GLN B 71 -11.45 -36.52 14.50
C GLN B 71 -12.49 -35.74 15.27
N TYR B 72 -12.19 -34.46 15.48
CA TYR B 72 -13.12 -33.48 16.02
C TYR B 72 -14.22 -33.25 15.01
N VAL B 73 -15.44 -33.12 15.54
CA VAL B 73 -16.64 -32.91 14.75
C VAL B 73 -17.21 -31.54 15.11
N ASP B 74 -17.50 -30.74 14.09
CA ASP B 74 -17.94 -29.36 14.27
C ASP B 74 -19.37 -29.31 14.81
N THR B 75 -19.57 -28.47 15.83
CA THR B 75 -20.89 -28.30 16.45
C THR B 75 -21.30 -26.83 16.59
N LEU B 76 -20.65 -25.93 15.84
CA LEU B 76 -20.97 -24.49 15.93
C LEU B 76 -22.42 -24.20 15.54
N TYR B 77 -22.93 -24.95 14.56
CA TYR B 77 -24.26 -24.74 14.01
C TYR B 77 -24.91 -26.09 13.71
N PRO B 78 -25.41 -26.76 14.76
CA PRO B 78 -26.04 -28.09 14.58
C PRO B 78 -27.11 -28.12 13.48
N GLY B 79 -27.08 -29.13 12.62
CA GLY B 79 -28.09 -29.29 11.56
C GLY B 79 -27.88 -28.47 10.28
N PHE B 80 -26.96 -27.51 10.32
CA PHE B 80 -26.77 -26.57 9.23
C PHE B 80 -25.94 -27.21 8.13
N GLU B 81 -26.48 -27.29 6.91
CA GLU B 81 -25.78 -27.91 5.76
C GLU B 81 -24.38 -27.34 5.53
N GLY B 82 -24.20 -26.03 5.76
CA GLY B 82 -22.94 -25.38 5.47
C GLY B 82 -21.77 -25.92 6.27
N THR B 83 -22.07 -26.37 7.49
CA THR B 83 -21.07 -27.01 8.35
C THR B 83 -21.14 -28.54 8.25
N GLU B 84 -22.35 -29.08 8.20
CA GLU B 84 -22.53 -30.52 8.23
C GLU B 84 -22.05 -31.20 6.96
N MET B 85 -21.90 -30.47 5.85
CA MET B 85 -21.43 -31.10 4.61
CA MET B 85 -21.43 -31.10 4.61
C MET B 85 -19.96 -31.50 4.70
N TRP B 86 -19.27 -31.01 5.74
CA TRP B 86 -17.85 -31.31 5.95
C TRP B 86 -17.59 -32.26 7.13
N ASN B 87 -18.65 -32.55 7.90
CA ASN B 87 -18.55 -33.43 9.04
C ASN B 87 -18.55 -34.90 8.59
N PRO B 88 -18.04 -35.81 9.45
CA PRO B 88 -17.97 -37.21 9.08
C PRO B 88 -19.34 -37.78 8.74
N ASN B 89 -19.40 -38.55 7.67
CA ASN B 89 -20.64 -39.20 7.26
C ASN B 89 -20.61 -40.72 7.44
N ARG B 90 -19.51 -41.25 7.97
CA ARG B 90 -19.41 -42.65 8.40
C ARG B 90 -18.94 -42.64 9.84
N GLU B 91 -19.04 -43.78 10.53
CA GLU B 91 -18.62 -43.89 11.92
C GLU B 91 -17.15 -43.55 12.06
N LEU B 92 -16.80 -42.93 13.19
CA LEU B 92 -15.43 -42.56 13.50
C LEU B 92 -14.64 -43.78 14.02
N SER B 93 -13.38 -43.90 13.61
CA SER B 93 -12.54 -44.97 14.13
C SER B 93 -11.08 -44.67 13.87
N GLU B 94 -10.19 -45.16 14.74
CA GLU B 94 -8.76 -45.15 14.46
C GLU B 94 -8.40 -46.18 13.39
N ASP B 95 -9.28 -47.16 13.21
CA ASP B 95 -9.16 -48.09 12.11
C ASP B 95 -9.79 -47.46 10.88
N CYS B 96 -9.00 -46.68 10.15
CA CYS B 96 -9.55 -45.85 9.11
C CYS B 96 -8.69 -45.76 7.83
N LEU B 97 -7.68 -46.60 7.72
CA LEU B 97 -6.73 -46.47 6.62
C LEU B 97 -7.17 -47.32 5.42
N TYR B 98 -8.11 -46.74 4.67
CA TYR B 98 -8.71 -47.35 3.49
C TYR B 98 -8.76 -46.31 2.38
N LEU B 99 -8.80 -46.80 1.13
CA LEU B 99 -8.95 -45.94 -0.02
C LEU B 99 -10.05 -46.38 -0.97
N ASN B 100 -10.43 -45.46 -1.86
CA ASN B 100 -11.54 -45.63 -2.78
C ASN B 100 -11.10 -45.40 -4.21
N VAL B 101 -11.61 -46.21 -5.14
CA VAL B 101 -11.29 -46.09 -6.56
C VAL B 101 -12.58 -46.10 -7.37
N TRP B 102 -12.75 -45.07 -8.19
CA TRP B 102 -13.77 -45.09 -9.25
C TRP B 102 -13.10 -45.23 -10.61
N THR B 103 -13.74 -46.03 -11.46
CA THR B 103 -13.25 -46.35 -12.77
C THR B 103 -14.48 -46.32 -13.69
N PRO B 104 -14.30 -46.04 -15.01
CA PRO B 104 -15.35 -46.24 -15.99
C PRO B 104 -15.85 -47.68 -16.05
N TYR B 105 -17.11 -47.85 -16.45
CA TYR B 105 -17.73 -49.14 -16.68
C TYR B 105 -18.13 -49.17 -18.15
N PRO B 106 -17.58 -50.11 -18.95
CA PRO B 106 -16.61 -51.13 -18.59
C PRO B 106 -15.25 -50.49 -18.34
N ARG B 107 -14.35 -51.24 -17.71
CA ARG B 107 -13.07 -50.64 -17.35
CA ARG B 107 -13.00 -50.77 -17.37
C ARG B 107 -12.31 -50.18 -18.59
N PRO B 108 -11.48 -49.15 -18.42
CA PRO B 108 -10.82 -48.61 -19.59
C PRO B 108 -10.08 -49.66 -20.43
N ALA B 109 -10.24 -49.56 -21.75
CA ALA B 109 -9.57 -50.43 -22.71
C ALA B 109 -8.05 -50.25 -22.59
N SER B 110 -7.59 -49.02 -22.77
CA SER B 110 -6.17 -48.68 -22.64
C SER B 110 -5.93 -47.91 -21.34
N PRO B 111 -4.68 -47.90 -20.84
CA PRO B 111 -4.35 -47.22 -19.57
C PRO B 111 -4.75 -45.73 -19.49
N THR B 112 -5.40 -45.37 -18.38
CA THR B 112 -6.00 -44.04 -18.21
C THR B 112 -5.27 -43.20 -17.17
N PRO B 113 -5.17 -41.89 -17.39
CA PRO B 113 -4.66 -41.05 -16.31
C PRO B 113 -5.40 -41.19 -15.00
N VAL B 114 -4.64 -41.15 -13.90
CA VAL B 114 -5.13 -41.32 -12.54
C VAL B 114 -5.07 -39.98 -11.82
N LEU B 115 -6.16 -39.62 -11.15
CA LEU B 115 -6.20 -38.46 -10.28
C LEU B 115 -6.37 -38.99 -8.87
N ILE B 116 -5.51 -38.54 -7.96
CA ILE B 116 -5.58 -38.92 -6.56
C ILE B 116 -5.91 -37.68 -5.73
N TRP B 117 -7.09 -37.71 -5.12
CA TRP B 117 -7.60 -36.65 -4.28
C TRP B 117 -7.12 -36.81 -2.85
N ILE B 118 -6.50 -35.75 -2.30
CA ILE B 118 -6.16 -35.67 -0.86
C ILE B 118 -7.02 -34.59 -0.16
N TYR B 119 -7.93 -35.00 0.72
CA TYR B 119 -8.84 -34.02 1.31
C TYR B 119 -8.13 -33.03 2.23
N GLY B 120 -8.79 -31.89 2.43
CA GLY B 120 -8.41 -30.90 3.44
C GLY B 120 -9.27 -31.00 4.67
N GLY B 121 -9.12 -30.02 5.55
CA GLY B 121 -9.71 -30.05 6.87
C GLY B 121 -8.78 -29.68 7.99
N GLY B 122 -7.76 -28.88 7.69
CA GLY B 122 -6.84 -28.35 8.70
C GLY B 122 -5.84 -29.34 9.29
N PHE B 123 -5.70 -30.49 8.63
CA PHE B 123 -5.01 -31.65 9.22
C PHE B 123 -5.62 -32.14 10.55
N TYR B 124 -6.83 -31.72 10.90
CA TYR B 124 -7.51 -32.20 12.10
C TYR B 124 -8.85 -32.90 11.79
N SER B 125 -9.26 -32.90 10.50
CA SER B 125 -10.56 -33.40 10.08
C SER B 125 -10.54 -33.76 8.63
N GLY B 126 -11.67 -34.26 8.14
CA GLY B 126 -11.84 -34.67 6.75
C GLY B 126 -12.07 -36.15 6.58
N ALA B 127 -12.54 -36.52 5.39
CA ALA B 127 -12.81 -37.90 5.04
C ALA B 127 -12.97 -38.00 3.52
N ALA B 128 -12.64 -39.15 2.93
CA ALA B 128 -12.77 -39.32 1.48
C ALA B 128 -14.18 -39.73 1.09
N SER B 129 -15.02 -39.99 2.09
CA SER B 129 -16.39 -40.38 1.88
C SER B 129 -17.38 -39.23 1.77
N LEU B 130 -16.92 -37.99 1.94
CA LEU B 130 -17.83 -36.86 1.89
C LEU B 130 -18.42 -36.75 0.48
N ASP B 131 -19.67 -36.34 0.36
CA ASP B 131 -20.37 -36.37 -0.94
C ASP B 131 -19.70 -35.46 -1.98
N VAL B 132 -19.08 -34.37 -1.55
CA VAL B 132 -18.40 -33.45 -2.47
C VAL B 132 -17.17 -34.06 -3.14
N TYR B 133 -16.69 -35.18 -2.61
CA TYR B 133 -15.48 -35.85 -3.14
C TYR B 133 -15.82 -37.10 -3.96
N ASP B 134 -17.05 -37.15 -4.45
CA ASP B 134 -17.57 -38.28 -5.20
C ASP B 134 -16.94 -38.36 -6.62
N GLY B 135 -16.14 -39.40 -6.86
CA GLY B 135 -15.40 -39.56 -8.13
C GLY B 135 -16.18 -40.09 -9.34
N ARG B 136 -17.46 -40.34 -9.17
CA ARG B 136 -18.22 -40.99 -10.22
C ARG B 136 -18.38 -40.12 -11.46
N PHE B 137 -18.54 -38.81 -11.26
CA PHE B 137 -18.82 -37.89 -12.37
C PHE B 137 -17.59 -37.77 -13.26
N LEU B 138 -16.43 -37.61 -12.63
CA LEU B 138 -15.17 -37.53 -13.36
C LEU B 138 -14.87 -38.85 -14.07
N ALA B 139 -15.09 -39.97 -13.37
CA ALA B 139 -14.96 -41.29 -13.95
C ALA B 139 -15.79 -41.42 -15.23
N GLN B 140 -17.08 -41.16 -15.10
CA GLN B 140 -18.03 -41.41 -16.18
C GLN B 140 -17.81 -40.47 -17.35
N VAL B 141 -17.72 -39.17 -17.05
CA VAL B 141 -17.72 -38.14 -18.10
C VAL B 141 -16.36 -38.05 -18.75
N GLU B 142 -15.30 -38.02 -17.96
CA GLU B 142 -13.93 -37.85 -18.48
C GLU B 142 -13.14 -39.13 -18.68
N GLY B 143 -13.70 -40.27 -18.29
CA GLY B 143 -13.01 -41.55 -18.43
C GLY B 143 -11.81 -41.71 -17.50
N ALA B 144 -11.76 -40.87 -16.47
CA ALA B 144 -10.65 -40.86 -15.52
C ALA B 144 -10.75 -42.01 -14.54
N VAL B 145 -9.61 -42.45 -14.03
CA VAL B 145 -9.56 -43.30 -12.85
C VAL B 145 -9.29 -42.38 -11.66
N LEU B 146 -10.20 -42.36 -10.69
CA LEU B 146 -10.08 -41.46 -9.55
C LEU B 146 -9.89 -42.24 -8.27
N VAL B 147 -8.88 -41.84 -7.48
CA VAL B 147 -8.55 -42.51 -6.22
C VAL B 147 -8.61 -41.51 -5.06
N SER B 148 -9.08 -41.95 -3.91
CA SER B 148 -9.01 -41.12 -2.69
C SER B 148 -8.72 -41.97 -1.45
N MET B 149 -7.97 -41.43 -0.51
CA MET B 149 -7.57 -42.17 0.67
C MET B 149 -7.90 -41.41 1.93
N ASN B 150 -8.24 -42.14 3.00
CA ASN B 150 -8.22 -41.59 4.34
C ASN B 150 -6.78 -41.55 4.81
N TYR B 151 -6.44 -40.48 5.51
CA TYR B 151 -5.18 -40.36 6.21
C TYR B 151 -5.48 -39.86 7.62
N ARG B 152 -4.60 -40.19 8.56
CA ARG B 152 -4.79 -39.83 9.96
C ARG B 152 -4.66 -38.32 10.19
N VAL B 153 -5.55 -37.79 11.04
CA VAL B 153 -5.64 -36.37 11.29
C VAL B 153 -5.55 -36.13 12.79
N GLY B 154 -5.27 -34.89 13.18
CA GLY B 154 -5.22 -34.52 14.60
C GLY B 154 -4.03 -35.13 15.28
N THR B 155 -4.15 -35.38 16.58
CA THR B 155 -3.08 -36.05 17.35
C THR B 155 -2.67 -37.37 16.69
N PHE B 156 -3.63 -38.10 16.15
CA PHE B 156 -3.39 -39.44 15.61
C PHE B 156 -2.46 -39.43 14.40
N GLY B 157 -2.59 -38.40 13.58
CA GLY B 157 -1.79 -38.26 12.38
C GLY B 157 -0.57 -37.37 12.54
N PHE B 158 -0.59 -36.44 13.49
CA PHE B 158 0.42 -35.39 13.52
C PHE B 158 1.04 -35.01 14.86
N LEU B 159 0.59 -35.64 15.96
CA LEU B 159 1.28 -35.48 17.25
C LEU B 159 2.68 -36.04 17.10
N ALA B 160 3.66 -35.28 17.60
CA ALA B 160 5.06 -35.57 17.35
C ALA B 160 5.88 -35.19 18.55
N LEU B 161 6.79 -36.10 18.90
CA LEU B 161 7.86 -35.83 19.83
C LEU B 161 9.09 -36.04 18.97
N PRO B 162 9.51 -34.97 18.26
CA PRO B 162 10.53 -35.10 17.22
C PRO B 162 11.83 -35.73 17.71
N GLY B 163 12.35 -36.66 16.91
CA GLY B 163 13.54 -37.42 17.28
C GLY B 163 13.22 -38.72 18.00
N SER B 164 11.98 -38.87 18.47
CA SER B 164 11.56 -40.11 19.11
C SER B 164 11.28 -41.17 18.05
N ARG B 165 11.48 -42.43 18.43
CA ARG B 165 11.21 -43.55 17.55
C ARG B 165 9.73 -43.83 17.42
N GLU B 166 8.98 -43.56 18.48
CA GLU B 166 7.59 -44.01 18.58
C GLU B 166 6.51 -42.94 18.27
N ALA B 167 6.91 -41.68 18.16
CA ALA B 167 6.03 -40.59 17.68
C ALA B 167 6.90 -39.62 16.90
N PRO B 168 7.35 -40.04 15.70
CA PRO B 168 8.32 -39.28 14.90
C PRO B 168 7.72 -38.07 14.19
N GLY B 169 6.40 -38.06 14.01
CA GLY B 169 5.70 -36.99 13.35
C GLY B 169 5.44 -37.33 11.89
N ASN B 170 4.54 -36.56 11.28
CA ASN B 170 4.21 -36.64 9.86
C ASN B 170 3.55 -37.96 9.39
N VAL B 171 3.03 -38.75 10.33
CA VAL B 171 2.57 -40.10 10.00
C VAL B 171 1.33 -40.06 9.08
N GLY B 172 0.53 -39.01 9.17
CA GLY B 172 -0.57 -38.81 8.22
C GLY B 172 -0.10 -38.57 6.79
N LEU B 173 1.07 -37.95 6.62
CA LEU B 173 1.64 -37.77 5.30
C LEU B 173 2.20 -39.09 4.80
N LEU B 174 2.70 -39.92 5.71
CA LEU B 174 3.20 -41.24 5.37
C LEU B 174 2.05 -42.18 5.01
N ASP B 175 0.91 -41.99 5.68
CA ASP B 175 -0.33 -42.65 5.26
C ASP B 175 -0.62 -42.32 3.81
N GLN B 176 -0.63 -41.04 3.47
CA GLN B 176 -0.89 -40.64 2.08
C GLN B 176 0.12 -41.23 1.12
N ARG B 177 1.38 -41.18 1.49
CA ARG B 177 2.45 -41.75 0.66
C ARG B 177 2.28 -43.27 0.39
N LEU B 178 1.85 -44.01 1.41
CA LEU B 178 1.58 -45.44 1.28
C LEU B 178 0.44 -45.71 0.30
N ALA B 179 -0.61 -44.89 0.34
CA ALA B 179 -1.68 -44.95 -0.66
C ALA B 179 -1.14 -44.65 -2.07
N LEU B 180 -0.22 -43.70 -2.15
CA LEU B 180 0.43 -43.38 -3.42
C LEU B 180 1.21 -44.60 -3.93
N GLN B 181 1.95 -45.23 -3.01
N GLN B 181 1.95 -45.25 -3.03
CA GLN B 181 2.69 -46.46 -3.30
CA GLN B 181 2.70 -46.47 -3.39
C GLN B 181 1.76 -47.58 -3.76
C GLN B 181 1.74 -47.60 -3.79
N TRP B 182 0.62 -47.71 -3.09
CA TRP B 182 -0.43 -48.65 -3.45
C TRP B 182 -0.92 -48.46 -4.87
N VAL B 183 -1.07 -47.21 -5.29
CA VAL B 183 -1.51 -46.88 -6.64
C VAL B 183 -0.46 -47.30 -7.68
N GLN B 184 0.81 -47.04 -7.42
CA GLN B 184 1.84 -47.49 -8.33
C GLN B 184 1.81 -49.01 -8.54
N GLU B 185 1.53 -49.76 -7.47
CA GLU B 185 1.58 -51.22 -7.49
C GLU B 185 0.34 -51.88 -8.04
N ASN B 186 -0.81 -51.21 -7.89
CA ASN B 186 -2.11 -51.84 -8.12
C ASN B 186 -3.05 -51.20 -9.13
N ILE B 187 -2.80 -49.96 -9.51
CA ILE B 187 -3.80 -49.19 -10.23
C ILE B 187 -3.97 -49.72 -11.66
N ALA B 188 -2.93 -50.34 -12.23
CA ALA B 188 -3.02 -50.98 -13.55
C ALA B 188 -4.15 -52.00 -13.59
N ALA B 189 -4.40 -52.70 -12.48
CA ALA B 189 -5.46 -53.71 -12.42
C ALA B 189 -6.84 -53.10 -12.66
N PHE B 190 -6.97 -51.79 -12.45
CA PHE B 190 -8.24 -51.10 -12.64
C PHE B 190 -8.30 -50.36 -13.96
N GLY B 191 -7.23 -50.46 -14.75
CA GLY B 191 -7.12 -49.73 -16.02
C GLY B 191 -6.39 -48.40 -15.89
N GLY B 192 -5.99 -48.03 -14.67
CA GLY B 192 -5.21 -46.80 -14.45
C GLY B 192 -3.79 -46.91 -14.98
N ASP B 193 -3.22 -45.76 -15.37
CA ASP B 193 -1.83 -45.65 -15.82
C ASP B 193 -0.94 -45.19 -14.67
N PRO B 194 -0.12 -46.09 -14.10
CA PRO B 194 0.71 -45.61 -12.98
C PRO B 194 1.79 -44.59 -13.40
N MET B 195 2.06 -44.48 -14.70
CA MET B 195 2.99 -43.46 -15.22
C MET B 195 2.30 -42.13 -15.56
N SER B 196 1.06 -41.95 -15.11
CA SER B 196 0.36 -40.68 -15.24
C SER B 196 -0.56 -40.45 -14.06
N VAL B 197 0.02 -40.06 -12.94
CA VAL B 197 -0.72 -39.82 -11.72
C VAL B 197 -0.66 -38.35 -11.38
N THR B 198 -1.82 -37.78 -11.05
CA THR B 198 -1.94 -36.40 -10.70
C THR B 198 -2.50 -36.34 -9.31
N LEU B 199 -1.77 -35.70 -8.41
CA LEU B 199 -2.30 -35.43 -7.10
C LEU B 199 -3.10 -34.16 -7.20
N PHE B 200 -4.26 -34.13 -6.57
CA PHE B 200 -4.99 -32.90 -6.36
C PHE B 200 -5.59 -32.87 -4.98
N GLY B 201 -5.64 -31.69 -4.39
CA GLY B 201 -6.28 -31.52 -3.07
C GLY B 201 -6.57 -30.07 -2.79
N GLU B 202 -7.32 -29.82 -1.71
CA GLU B 202 -7.74 -28.49 -1.33
C GLU B 202 -7.40 -28.21 0.15
N SER B 203 -7.00 -26.98 0.43
CA SER B 203 -6.62 -26.52 1.78
C SER B 203 -5.47 -27.37 2.34
N ALA B 204 -5.68 -28.07 3.46
CA ALA B 204 -4.64 -28.94 4.03
C ALA B 204 -4.26 -30.08 3.09
N GLY B 205 -5.18 -30.44 2.19
CA GLY B 205 -4.87 -31.42 1.14
C GLY B 205 -3.92 -30.89 0.07
N ALA B 206 -4.06 -29.61 -0.23
CA ALA B 206 -3.17 -28.91 -1.14
C ALA B 206 -1.82 -28.71 -0.47
N ALA B 207 -1.82 -28.38 0.82
CA ALA B 207 -0.56 -28.30 1.59
C ALA B 207 0.17 -29.64 1.52
N SER B 208 -0.60 -30.71 1.75
CA SER B 208 -0.14 -32.11 1.62
C SER B 208 0.50 -32.40 0.27
N VAL B 209 -0.22 -32.16 -0.82
CA VAL B 209 0.37 -32.24 -2.17
C VAL B 209 1.71 -31.51 -2.29
N GLY B 210 1.79 -30.28 -1.79
CA GLY B 210 3.04 -29.52 -1.84
C GLY B 210 4.15 -30.18 -1.06
N MET B 211 3.78 -30.82 0.05
CA MET B 211 4.76 -31.56 0.84
C MET B 211 5.27 -32.80 0.12
N HIS B 212 4.42 -33.45 -0.67
CA HIS B 212 4.89 -34.54 -1.51
C HIS B 212 5.81 -34.03 -2.63
N ILE B 213 5.56 -32.83 -3.17
CA ILE B 213 6.50 -32.21 -4.15
C ILE B 213 7.88 -31.98 -3.53
N LEU B 214 7.86 -31.62 -2.25
CA LEU B 214 9.08 -31.22 -1.52
C LEU B 214 9.76 -32.36 -0.76
N SER B 215 9.23 -33.58 -0.85
CA SER B 215 9.82 -34.75 -0.20
C SER B 215 10.21 -35.80 -1.24
N LEU B 216 11.51 -36.07 -1.34
CA LEU B 216 12.06 -36.85 -2.45
C LEU B 216 11.43 -38.24 -2.69
N PRO B 217 11.27 -39.05 -1.62
CA PRO B 217 10.57 -40.34 -1.73
C PRO B 217 9.19 -40.34 -2.40
N SER B 218 8.45 -39.24 -2.27
CA SER B 218 7.11 -39.11 -2.87
C SER B 218 7.17 -38.86 -4.36
N ARG B 219 8.28 -38.31 -4.85
CA ARG B 219 8.37 -37.81 -6.22
C ARG B 219 8.36 -38.88 -7.28
N SER B 220 8.75 -40.10 -6.94
CA SER B 220 8.62 -41.22 -7.85
C SER B 220 7.19 -41.79 -7.87
N LEU B 221 6.28 -41.20 -7.11
CA LEU B 221 4.91 -41.73 -6.98
C LEU B 221 3.85 -40.88 -7.69
N PHE B 222 4.27 -39.78 -8.30
CA PHE B 222 3.37 -38.98 -9.14
C PHE B 222 4.15 -38.12 -10.13
N HIS B 223 3.42 -37.53 -11.08
CA HIS B 223 4.02 -36.77 -12.17
C HIS B 223 3.55 -35.31 -12.23
N ARG B 224 2.33 -35.03 -11.78
CA ARG B 224 1.77 -33.69 -11.81
C ARG B 224 1.03 -33.38 -10.53
N ALA B 225 0.78 -32.09 -10.26
CA ALA B 225 0.08 -31.67 -9.02
C ALA B 225 -0.89 -30.53 -9.22
N VAL B 226 -1.93 -30.50 -8.38
CA VAL B 226 -2.91 -29.42 -8.33
C VAL B 226 -3.06 -29.03 -6.87
N LEU B 227 -2.80 -27.76 -6.58
CA LEU B 227 -2.93 -27.24 -5.21
C LEU B 227 -4.05 -26.22 -5.18
N GLN B 228 -5.18 -26.61 -4.64
CA GLN B 228 -6.32 -25.74 -4.55
C GLN B 228 -6.39 -25.08 -3.18
N SER B 229 -6.17 -23.76 -3.12
CA SER B 229 -6.39 -23.00 -1.87
C SER B 229 -5.55 -23.50 -0.71
N GLY B 230 -4.27 -23.77 -0.97
CA GLY B 230 -3.40 -24.32 0.06
C GLY B 230 -2.00 -24.57 -0.42
N THR B 231 -1.05 -24.50 0.52
CA THR B 231 0.37 -24.52 0.22
C THR B 231 1.11 -25.08 1.40
N PRO B 232 2.28 -25.70 1.15
CA PRO B 232 3.11 -26.18 2.23
C PRO B 232 3.83 -25.04 2.98
N ASN B 233 4.25 -24.01 2.25
CA ASN B 233 4.71 -22.77 2.84
C ASN B 233 3.52 -22.05 3.44
N GLY B 234 3.78 -21.03 4.26
CA GLY B 234 2.69 -20.27 4.86
C GLY B 234 2.62 -20.46 6.37
N PRO B 235 1.75 -19.70 7.03
CA PRO B 235 1.71 -19.61 8.51
C PRO B 235 1.16 -20.82 9.30
N TRP B 236 0.39 -21.70 8.66
CA TRP B 236 -0.41 -22.69 9.38
C TRP B 236 -0.09 -24.16 9.05
N ALA B 237 0.53 -24.41 7.90
CA ALA B 237 0.68 -25.76 7.35
C ALA B 237 1.81 -26.57 7.99
N THR B 238 2.74 -25.91 8.65
CA THR B 238 3.82 -26.60 9.35
C THR B 238 4.13 -25.91 10.67
N VAL B 239 4.72 -26.68 11.58
CA VAL B 239 5.32 -26.17 12.80
C VAL B 239 6.77 -26.64 12.84
N SER B 240 7.58 -26.01 13.68
CA SER B 240 8.94 -26.44 13.91
C SER B 240 8.96 -27.64 14.86
N ALA B 241 10.11 -28.30 14.94
CA ALA B 241 10.28 -29.42 15.86
C ALA B 241 10.08 -29.00 17.33
N GLY B 242 10.60 -27.83 17.71
CA GLY B 242 10.41 -27.32 19.08
C GLY B 242 8.94 -27.08 19.44
N GLU B 243 8.19 -26.50 18.51
CA GLU B 243 6.78 -26.19 18.75
C GLU B 243 5.89 -27.44 18.70
N ALA B 244 6.24 -28.43 17.89
CA ALA B 244 5.49 -29.69 17.88
C ALA B 244 5.67 -30.41 19.23
N ARG B 245 6.90 -30.42 19.72
CA ARG B 245 7.24 -31.02 21.00
C ARG B 245 6.50 -30.33 22.15
N ARG B 246 6.43 -29.01 22.07
CA ARG B 246 5.77 -28.20 23.09
C ARG B 246 4.27 -28.56 23.18
N ARG B 247 3.62 -28.64 22.02
CA ARG B 247 2.19 -28.94 21.98
C ARG B 247 1.89 -30.37 22.43
N ALA B 248 2.69 -31.32 21.94
CA ALA B 248 2.55 -32.72 22.31
C ALA B 248 2.75 -32.88 23.82
N THR B 249 3.75 -32.18 24.35
CA THR B 249 4.03 -32.20 25.80
C THR B 249 2.91 -31.56 26.64
N LEU B 250 2.33 -30.48 26.15
CA LEU B 250 1.22 -29.84 26.84
C LEU B 250 -0.05 -30.71 26.76
N LEU B 251 -0.28 -31.35 25.61
CA LEU B 251 -1.45 -32.22 25.50
C LEU B 251 -1.31 -33.37 26.50
N ALA B 252 -0.14 -34.01 26.49
CA ALA B 252 0.17 -35.07 27.45
C ALA B 252 -0.17 -34.62 28.85
N ARG B 253 0.33 -33.45 29.25
CA ARG B 253 0.05 -32.93 30.57
C ARG B 253 -1.45 -32.79 30.83
N LEU B 254 -2.19 -32.29 29.84
CA LEU B 254 -3.61 -32.06 29.98
C LEU B 254 -4.42 -33.34 30.22
N VAL B 255 -3.94 -34.46 29.67
CA VAL B 255 -4.61 -35.76 29.83
C VAL B 255 -3.96 -36.65 30.92
N GLY B 256 -3.22 -36.05 31.85
CA GLY B 256 -2.64 -36.78 32.96
C GLY B 256 -1.42 -37.64 32.65
N CYS B 257 -0.82 -37.48 31.48
CA CYS B 257 0.37 -38.24 31.12
C CYS B 257 1.62 -37.42 31.40
N PRO B 258 2.63 -38.01 32.04
CA PRO B 258 2.87 -39.45 32.26
C PRO B 258 2.30 -40.00 33.58
N ASN B 265 11.42 -38.35 29.56
CA ASN B 265 11.63 -39.51 28.69
C ASN B 265 10.42 -39.72 27.77
N ASP B 266 10.65 -39.55 26.46
CA ASP B 266 9.60 -39.67 25.44
C ASP B 266 8.86 -40.99 25.45
N THR B 267 9.63 -42.08 25.51
CA THR B 267 9.10 -43.44 25.50
C THR B 267 7.94 -43.61 26.50
N GLU B 268 8.17 -43.11 27.69
CA GLU B 268 7.19 -43.17 28.76
C GLU B 268 5.96 -42.30 28.47
N LEU B 269 6.18 -41.12 27.92
CA LEU B 269 5.10 -40.17 27.64
C LEU B 269 4.22 -40.68 26.51
N ILE B 270 4.85 -41.17 25.44
CA ILE B 270 4.12 -41.69 24.30
C ILE B 270 3.32 -42.93 24.72
N ALA B 271 3.95 -43.81 25.49
CA ALA B 271 3.29 -45.00 26.01
C ALA B 271 2.00 -44.66 26.78
N CYS B 272 2.03 -43.64 27.62
CA CYS B 272 0.84 -43.25 28.38
C CYS B 272 -0.25 -42.66 27.46
N LEU B 273 0.17 -41.86 26.48
CA LEU B 273 -0.77 -41.29 25.51
C LEU B 273 -1.52 -42.39 24.76
N ARG B 274 -0.83 -43.50 24.50
CA ARG B 274 -1.41 -44.61 23.76
C ARG B 274 -2.47 -45.36 24.55
N THR B 275 -2.46 -45.22 25.87
CA THR B 275 -3.48 -45.84 26.70
C THR B 275 -4.78 -45.03 26.74
N ARG B 276 -4.77 -43.82 26.22
CA ARG B 276 -5.91 -42.92 26.40
C ARG B 276 -6.96 -43.14 25.32
N PRO B 277 -8.25 -43.24 25.72
CA PRO B 277 -9.30 -43.23 24.71
C PRO B 277 -9.12 -42.12 23.68
N ALA B 278 -9.49 -42.41 22.44
CA ALA B 278 -9.35 -41.48 21.33
C ALA B 278 -9.97 -40.12 21.65
N GLN B 279 -11.19 -40.13 22.19
CA GLN B 279 -11.91 -38.88 22.46
C GLN B 279 -11.27 -38.04 23.57
N ASP B 280 -10.51 -38.67 24.47
CA ASP B 280 -9.78 -37.94 25.51
C ASP B 280 -8.72 -37.02 24.87
N LEU B 281 -8.11 -37.48 23.78
CA LEU B 281 -7.13 -36.68 23.03
C LEU B 281 -7.80 -35.51 22.28
N VAL B 282 -8.84 -35.82 21.51
CA VAL B 282 -9.63 -34.81 20.84
C VAL B 282 -10.21 -33.77 21.82
N ASP B 283 -10.60 -34.20 23.00
CA ASP B 283 -11.12 -33.29 24.04
C ASP B 283 -10.18 -32.13 24.35
N HIS B 284 -8.88 -32.36 24.29
CA HIS B 284 -7.89 -31.35 24.64
C HIS B 284 -7.06 -30.85 23.45
N GLU B 285 -7.59 -31.06 22.25
CA GLU B 285 -6.84 -30.76 21.02
C GLU B 285 -6.65 -29.25 20.80
N TRP B 286 -7.68 -28.50 21.20
CA TRP B 286 -7.75 -27.08 20.95
C TRP B 286 -7.35 -26.29 22.17
N HIS B 287 -6.55 -26.89 23.04
CA HIS B 287 -6.04 -26.21 24.21
C HIS B 287 -4.54 -26.05 24.15
N VAL B 288 -3.91 -26.42 23.03
CA VAL B 288 -2.45 -26.40 22.91
C VAL B 288 -1.92 -25.26 22.03
N LEU B 289 -2.82 -24.56 21.34
CA LEU B 289 -2.39 -23.43 20.52
C LEU B 289 -1.84 -22.29 21.40
N PRO B 290 -0.78 -21.59 20.92
CA PRO B 290 -0.12 -20.53 21.69
C PRO B 290 -0.92 -19.22 21.85
N GLN B 291 -1.86 -18.97 20.95
CA GLN B 291 -2.66 -17.74 20.95
C GLN B 291 -4.13 -18.01 20.65
N GLU B 292 -4.98 -17.05 21.00
CA GLU B 292 -6.36 -16.98 20.53
C GLU B 292 -6.28 -16.67 19.02
N SER B 293 -6.65 -17.64 18.19
CA SER B 293 -6.42 -17.53 16.77
C SER B 293 -7.52 -18.17 15.93
N ILE B 294 -7.52 -17.82 14.65
CA ILE B 294 -8.27 -18.55 13.64
C ILE B 294 -7.31 -18.93 12.53
N PHE B 295 -7.71 -19.91 11.72
CA PHE B 295 -6.88 -20.50 10.64
C PHE B 295 -5.57 -21.00 11.23
N ARG B 296 -5.71 -21.67 12.38
CA ARG B 296 -4.57 -22.22 13.05
C ARG B 296 -4.97 -23.57 13.67
N PHE B 297 -4.10 -24.57 13.49
CA PHE B 297 -4.43 -25.96 13.79
C PHE B 297 -3.33 -26.58 14.63
N SER B 298 -3.74 -27.25 15.71
CA SER B 298 -2.80 -27.75 16.72
C SER B 298 -1.79 -28.80 16.26
N PHE B 299 -2.27 -29.81 15.53
CA PHE B 299 -1.39 -30.90 15.10
C PHE B 299 -1.33 -30.96 13.61
N VAL B 300 -0.17 -30.57 13.08
CA VAL B 300 0.08 -30.40 11.64
C VAL B 300 1.48 -30.92 11.32
N PRO B 301 1.83 -31.06 10.02
CA PRO B 301 3.17 -31.50 9.66
C PRO B 301 4.28 -30.74 10.38
N VAL B 302 5.37 -31.44 10.69
CA VAL B 302 6.47 -30.86 11.43
C VAL B 302 7.73 -30.87 10.58
N VAL B 303 8.54 -29.82 10.71
CA VAL B 303 9.82 -29.78 10.02
C VAL B 303 10.75 -30.65 10.84
N ASP B 304 10.76 -31.93 10.46
CA ASP B 304 11.46 -32.99 11.22
C ASP B 304 12.87 -33.25 10.74
N GLY B 305 13.23 -32.71 9.57
CA GLY B 305 14.54 -32.99 8.98
C GLY B 305 14.61 -34.37 8.36
N ASP B 306 13.46 -34.92 7.97
CA ASP B 306 13.36 -36.27 7.39
C ASP B 306 12.37 -36.23 6.23
N PHE B 307 11.07 -36.31 6.52
CA PHE B 307 10.05 -36.14 5.48
C PHE B 307 10.29 -34.78 4.85
N LEU B 308 10.37 -33.76 5.70
CA LEU B 308 10.76 -32.41 5.32
C LEU B 308 12.20 -32.17 5.72
N SER B 309 13.08 -32.22 4.74
CA SER B 309 14.51 -32.05 5.01
C SER B 309 14.86 -30.66 5.55
N ASP B 310 14.07 -29.65 5.19
CA ASP B 310 14.22 -28.29 5.71
C ASP B 310 12.83 -27.68 5.75
N THR B 311 12.71 -26.42 6.14
CA THR B 311 11.42 -25.74 6.09
C THR B 311 10.91 -25.68 4.64
N PRO B 312 9.58 -25.69 4.45
CA PRO B 312 9.03 -25.52 3.09
C PRO B 312 9.49 -24.26 2.37
N GLU B 313 9.73 -23.19 3.12
CA GLU B 313 10.26 -21.97 2.54
C GLU B 313 11.64 -22.19 1.92
N ALA B 314 12.53 -22.75 2.72
CA ALA B 314 13.89 -23.07 2.28
C ALA B 314 13.86 -24.02 1.08
N LEU B 315 12.99 -25.03 1.16
CA LEU B 315 12.85 -26.02 0.10
C LEU B 315 12.28 -25.44 -1.19
N ILE B 316 11.29 -24.56 -1.10
CA ILE B 316 10.76 -23.95 -2.33
C ILE B 316 11.78 -22.96 -2.96
N ASN B 317 12.62 -22.34 -2.15
CA ASN B 317 13.62 -21.39 -2.65
C ASN B 317 14.81 -22.06 -3.32
N THR B 318 15.18 -23.25 -2.88
CA THR B 318 16.36 -23.94 -3.41
C THR B 318 16.03 -25.12 -4.33
N GLY B 319 14.74 -25.40 -4.54
CA GLY B 319 14.36 -26.57 -5.32
C GLY B 319 14.54 -26.42 -6.83
N ASP B 320 14.75 -27.55 -7.49
CA ASP B 320 14.76 -27.61 -8.95
C ASP B 320 13.46 -28.30 -9.37
N PHE B 321 12.67 -27.61 -10.19
CA PHE B 321 11.31 -28.06 -10.52
C PHE B 321 11.12 -28.27 -12.01
N GLN B 322 12.21 -28.43 -12.74
CA GLN B 322 12.13 -28.64 -14.18
C GLN B 322 11.17 -29.58 -14.90
N ASP B 323 11.04 -30.81 -14.43
CA ASP B 323 10.11 -31.72 -15.10
C ASP B 323 8.82 -31.87 -14.25
N LEU B 324 8.28 -30.74 -13.78
CA LEU B 324 7.06 -30.68 -12.96
C LEU B 324 6.01 -29.74 -13.55
N GLN B 325 4.74 -30.14 -13.46
CA GLN B 325 3.65 -29.28 -13.84
C GLN B 325 2.71 -29.11 -12.66
N VAL B 326 2.37 -27.85 -12.37
CA VAL B 326 1.50 -27.54 -11.25
C VAL B 326 0.35 -26.63 -11.69
N LEU B 327 -0.85 -26.97 -11.23
CA LEU B 327 -2.03 -26.09 -11.32
C LEU B 327 -2.32 -25.59 -9.91
N VAL B 328 -2.34 -24.28 -9.71
CA VAL B 328 -2.63 -23.71 -8.37
C VAL B 328 -3.72 -22.64 -8.46
N GLY B 329 -4.45 -22.42 -7.38
CA GLY B 329 -5.38 -21.32 -7.34
C GLY B 329 -6.05 -21.08 -6.03
N VAL B 330 -6.97 -20.10 -6.04
CA VAL B 330 -7.68 -19.64 -4.85
C VAL B 330 -9.13 -19.35 -5.16
N VAL B 331 -9.99 -19.33 -4.14
CA VAL B 331 -11.36 -18.87 -4.32
C VAL B 331 -11.39 -17.38 -4.04
N LYS B 332 -12.51 -16.74 -4.38
CA LYS B 332 -12.60 -15.28 -4.28
C LYS B 332 -12.58 -14.77 -2.85
N ASP B 333 -13.15 -15.53 -1.92
CA ASP B 333 -13.27 -15.07 -0.52
C ASP B 333 -12.77 -16.11 0.46
N GLU B 334 -11.46 -16.36 0.40
CA GLU B 334 -10.81 -17.38 1.20
C GLU B 334 -10.98 -17.20 2.70
N GLY B 335 -11.00 -15.96 3.19
CA GLY B 335 -11.00 -15.72 4.62
C GLY B 335 -12.34 -15.75 5.33
N SER B 336 -13.43 -15.53 4.58
CA SER B 336 -14.75 -15.25 5.17
C SER B 336 -15.23 -16.35 6.10
N TYR B 337 -15.13 -17.59 5.64
CA TYR B 337 -15.56 -18.78 6.40
C TYR B 337 -15.01 -18.78 7.82
N PHE B 338 -13.73 -18.42 7.95
CA PHE B 338 -13.01 -18.55 9.21
C PHE B 338 -13.36 -17.51 10.26
N LEU B 339 -14.07 -16.47 9.87
CA LEU B 339 -14.31 -15.33 10.74
C LEU B 339 -15.35 -15.62 11.79
N VAL B 340 -16.30 -16.48 11.45
CA VAL B 340 -17.40 -16.84 12.35
C VAL B 340 -16.95 -17.80 13.46
N TYR B 341 -15.70 -18.25 13.39
CA TYR B 341 -15.14 -19.22 14.33
C TYR B 341 -14.17 -18.61 15.33
N GLY B 342 -14.33 -17.35 15.68
CA GLY B 342 -13.42 -16.73 16.65
C GLY B 342 -13.36 -15.22 16.73
N VAL B 343 -13.63 -14.53 15.63
CA VAL B 343 -13.59 -13.07 15.60
C VAL B 343 -14.91 -12.49 16.09
N PRO B 344 -14.89 -11.79 17.24
CA PRO B 344 -16.10 -11.14 17.71
C PRO B 344 -16.70 -10.19 16.69
N GLY B 345 -18.02 -10.19 16.61
CA GLY B 345 -18.75 -9.36 15.66
C GLY B 345 -19.27 -10.12 14.45
N PHE B 346 -18.73 -11.33 14.22
CA PHE B 346 -19.08 -12.09 13.00
C PHE B 346 -20.04 -13.24 13.28
N SER B 347 -20.91 -13.50 12.31
CA SER B 347 -21.90 -14.55 12.40
C SER B 347 -22.47 -14.84 11.02
N LYS B 348 -22.87 -16.08 10.77
CA LYS B 348 -23.56 -16.44 9.53
C LYS B 348 -24.98 -15.86 9.53
N ASP B 349 -25.51 -15.60 10.71
CA ASP B 349 -26.92 -15.23 10.90
C ASP B 349 -27.21 -13.71 10.82
N ASN B 350 -26.17 -12.89 10.69
CA ASN B 350 -26.33 -11.46 10.38
C ASN B 350 -25.28 -10.98 9.37
N GLU B 351 -25.32 -9.71 9.02
CA GLU B 351 -24.45 -9.18 7.97
C GLU B 351 -23.05 -8.86 8.48
N SER B 352 -22.81 -9.04 9.78
CA SER B 352 -21.49 -8.93 10.36
C SER B 352 -20.82 -7.59 10.02
N LEU B 353 -21.58 -6.51 10.20
CA LEU B 353 -21.08 -5.16 10.01
C LEU B 353 -20.36 -4.76 11.30
N ILE B 354 -19.03 -4.63 11.23
CA ILE B 354 -18.21 -4.48 12.44
C ILE B 354 -17.69 -3.06 12.65
N SER B 355 -17.28 -2.77 13.88
CA SER B 355 -16.70 -1.50 14.23
C SER B 355 -15.22 -1.52 13.93
N ARG B 356 -14.61 -0.34 13.87
CA ARG B 356 -13.16 -0.27 13.67
CA ARG B 356 -13.18 -0.27 13.68
C ARG B 356 -12.45 -0.96 14.83
N ALA B 357 -12.97 -0.79 16.05
CA ALA B 357 -12.41 -1.44 17.24
C ALA B 357 -12.38 -2.95 17.05
N GLN B 358 -13.51 -3.50 16.61
CA GLN B 358 -13.62 -4.94 16.33
C GLN B 358 -12.68 -5.39 15.21
N PHE B 359 -12.38 -4.48 14.28
CA PHE B 359 -11.44 -4.76 13.19
C PHE B 359 -10.01 -4.90 13.72
N LEU B 360 -9.59 -3.95 14.54
CA LEU B 360 -8.26 -4.00 15.15
C LEU B 360 -8.09 -5.25 15.99
N ALA B 361 -9.12 -5.60 16.76
CA ALA B 361 -9.10 -6.81 17.60
C ALA B 361 -9.04 -8.07 16.75
N GLY B 362 -9.83 -8.11 15.69
CA GLY B 362 -9.85 -9.25 14.79
C GLY B 362 -8.53 -9.50 14.08
N VAL B 363 -7.80 -8.45 13.75
CA VAL B 363 -6.47 -8.62 13.14
C VAL B 363 -5.51 -9.34 14.09
N ARG B 364 -5.60 -9.09 15.40
CA ARG B 364 -4.69 -9.77 16.34
C ARG B 364 -5.00 -11.27 16.40
N ILE B 365 -6.28 -11.63 16.20
CA ILE B 365 -6.72 -13.02 16.17
C ILE B 365 -6.45 -13.65 14.81
N GLY B 366 -6.59 -12.86 13.75
CA GLY B 366 -6.37 -13.32 12.38
C GLY B 366 -4.92 -13.38 11.92
N VAL B 367 -4.06 -12.64 12.62
CA VAL B 367 -2.62 -12.67 12.40
C VAL B 367 -1.96 -12.85 13.77
N PRO B 368 -2.17 -14.02 14.39
CA PRO B 368 -1.86 -14.24 15.80
C PRO B 368 -0.37 -14.18 16.15
N GLN B 369 0.49 -14.38 15.15
CA GLN B 369 1.93 -14.31 15.38
C GLN B 369 2.48 -12.89 15.22
N ALA B 370 1.65 -11.94 14.74
CA ALA B 370 2.10 -10.56 14.50
C ALA B 370 2.31 -9.76 15.78
N SER B 371 3.39 -8.97 15.80
CA SER B 371 3.66 -8.06 16.90
C SER B 371 2.72 -6.88 16.85
N ASP B 372 2.76 -6.03 17.88
CA ASP B 372 1.91 -4.83 17.92
C ASP B 372 2.12 -3.97 16.67
N LEU B 373 3.37 -3.74 16.30
CA LEU B 373 3.71 -2.93 15.11
C LEU B 373 3.26 -3.55 13.80
N ALA B 374 3.48 -4.86 13.67
CA ALA B 374 3.10 -5.59 12.47
C ALA B 374 1.57 -5.65 12.31
N ALA B 375 0.87 -5.82 13.42
CA ALA B 375 -0.59 -5.74 13.45
C ALA B 375 -1.05 -4.35 13.01
N GLU B 376 -0.35 -3.33 13.46
CA GLU B 376 -0.70 -1.96 13.11
C GLU B 376 -0.48 -1.70 11.61
N ALA B 377 0.59 -2.24 11.05
CA ALA B 377 0.85 -2.13 9.61
C ALA B 377 -0.21 -2.83 8.77
N VAL B 378 -0.77 -3.94 9.26
CA VAL B 378 -1.84 -4.66 8.59
C VAL B 378 -3.12 -3.81 8.59
N VAL B 379 -3.49 -3.29 9.76
CA VAL B 379 -4.63 -2.40 9.87
C VAL B 379 -4.50 -1.18 8.94
N LEU B 380 -3.33 -0.54 8.93
CA LEU B 380 -3.16 0.64 8.11
C LEU B 380 -3.21 0.32 6.61
N HIS B 381 -2.69 -0.84 6.20
CA HIS B 381 -2.70 -1.27 4.79
C HIS B 381 -4.10 -1.63 4.28
N TYR B 382 -4.90 -2.20 5.16
CA TYR B 382 -6.24 -2.69 4.81
C TYR B 382 -7.38 -1.70 5.12
N THR B 383 -7.06 -0.59 5.77
CA THR B 383 -8.02 0.49 5.93
C THR B 383 -8.20 1.20 4.61
N ASP B 384 -9.47 1.44 4.25
CA ASP B 384 -9.82 2.38 3.18
C ASP B 384 -9.90 3.75 3.82
N TRP B 385 -8.90 4.58 3.57
CA TRP B 385 -8.83 5.88 4.25
C TRP B 385 -9.87 6.89 3.77
N LEU B 386 -10.58 6.56 2.69
CA LEU B 386 -11.80 7.28 2.31
C LEU B 386 -13.02 6.85 3.14
N HIS B 387 -13.04 5.60 3.59
CA HIS B 387 -14.15 5.06 4.39
C HIS B 387 -13.58 4.25 5.57
N PRO B 388 -12.82 4.92 6.44
CA PRO B 388 -12.04 4.20 7.47
C PRO B 388 -12.88 3.56 8.56
N GLU B 389 -14.10 4.04 8.76
CA GLU B 389 -14.95 3.52 9.82
C GLU B 389 -16.20 2.84 9.28
N ASP B 390 -16.30 2.68 7.96
CA ASP B 390 -17.47 2.07 7.35
C ASP B 390 -17.52 0.57 7.66
N PRO B 391 -18.56 0.11 8.38
CA PRO B 391 -18.62 -1.29 8.82
C PRO B 391 -18.54 -2.37 7.74
N THR B 392 -19.08 -2.10 6.54
CA THR B 392 -19.00 -3.04 5.41
C THR B 392 -17.57 -3.18 4.92
N HIS B 393 -16.86 -2.06 4.84
CA HIS B 393 -15.47 -2.07 4.38
C HIS B 393 -14.60 -2.82 5.37
N LEU B 394 -14.84 -2.59 6.66
CA LEU B 394 -14.05 -3.21 7.71
C LEU B 394 -14.32 -4.71 7.76
N ARG B 395 -15.59 -5.10 7.65
CA ARG B 395 -15.93 -6.51 7.58
C ARG B 395 -15.24 -7.21 6.41
N ASP B 396 -15.40 -6.66 5.21
CA ASP B 396 -14.76 -7.22 4.02
C ASP B 396 -13.24 -7.20 4.09
N ALA B 397 -12.67 -6.19 4.75
CA ALA B 397 -11.22 -6.08 4.92
C ALA B 397 -10.70 -7.16 5.85
N MET B 398 -11.44 -7.45 6.92
CA MET B 398 -11.10 -8.54 7.84
C MET B 398 -11.05 -9.90 7.14
N SER B 399 -12.03 -10.15 6.28
CA SER B 399 -12.03 -11.34 5.47
C SER B 399 -10.76 -11.38 4.63
N ALA B 400 -10.45 -10.27 4.00
CA ALA B 400 -9.28 -10.17 3.12
C ALA B 400 -7.97 -10.44 3.86
N VAL B 401 -7.79 -9.87 5.03
CA VAL B 401 -6.57 -10.06 5.83
C VAL B 401 -6.30 -11.54 6.07
N VAL B 402 -7.35 -12.25 6.50
CA VAL B 402 -7.25 -13.64 6.87
C VAL B 402 -6.98 -14.52 5.64
N GLY B 403 -7.69 -14.23 4.55
CA GLY B 403 -7.52 -14.99 3.32
C GLY B 403 -6.20 -14.75 2.62
N ASP B 404 -5.70 -13.53 2.69
CA ASP B 404 -4.48 -13.16 2.01
C ASP B 404 -3.25 -13.71 2.73
N HIS B 405 -3.21 -13.50 4.04
CA HIS B 405 -2.17 -14.02 4.94
C HIS B 405 -2.05 -15.56 4.87
N ASN B 406 -3.20 -16.24 4.92
CA ASN B 406 -3.22 -17.69 5.03
C ASN B 406 -3.23 -18.45 3.73
N VAL B 407 -3.80 -17.87 2.66
CA VAL B 407 -3.90 -18.58 1.38
C VAL B 407 -3.39 -17.83 0.14
N VAL B 408 -3.91 -16.63 -0.14
CA VAL B 408 -3.61 -16.01 -1.44
C VAL B 408 -2.11 -15.69 -1.57
N CYS B 409 -1.55 -15.10 -0.53
CA CYS B 409 -0.18 -14.66 -0.63
C CYS B 409 0.84 -15.79 -0.58
N PRO B 410 0.64 -16.76 0.32
CA PRO B 410 1.34 -18.05 0.21
C PRO B 410 1.21 -18.71 -1.17
N VAL B 411 0.03 -18.72 -1.78
CA VAL B 411 -0.09 -19.27 -3.15
C VAL B 411 0.75 -18.49 -4.16
N ALA B 412 0.70 -17.16 -4.08
CA ALA B 412 1.40 -16.30 -5.02
C ALA B 412 2.89 -16.55 -4.90
N GLN B 413 3.35 -16.71 -3.67
CA GLN B 413 4.76 -16.93 -3.42
C GLN B 413 5.23 -18.25 -3.99
N LEU B 414 4.43 -19.29 -3.83
CA LEU B 414 4.76 -20.61 -4.37
C LEU B 414 4.73 -20.61 -5.88
N ALA B 415 3.66 -20.07 -6.45
CA ALA B 415 3.52 -19.97 -7.88
C ALA B 415 4.79 -19.38 -8.49
N GLY B 416 5.29 -18.31 -7.88
CA GLY B 416 6.45 -17.61 -8.41
C GLY B 416 7.78 -18.29 -8.26
N ARG B 417 7.97 -19.01 -7.15
CA ARG B 417 9.21 -19.77 -6.95
C ARG B 417 9.23 -20.96 -7.91
N LEU B 418 8.12 -21.67 -8.01
CA LEU B 418 8.05 -22.83 -8.90
C LEU B 418 8.31 -22.41 -10.35
N ALA B 419 7.67 -21.33 -10.78
CA ALA B 419 7.79 -20.79 -12.13
C ALA B 419 9.21 -20.35 -12.42
N ALA B 420 9.79 -19.58 -11.50
CA ALA B 420 11.19 -19.15 -11.59
C ALA B 420 12.16 -20.30 -11.70
N GLN B 421 11.80 -21.48 -11.21
CA GLN B 421 12.75 -22.57 -11.06
C GLN B 421 12.46 -23.82 -11.90
N GLY B 422 11.80 -23.61 -13.04
CA GLY B 422 11.69 -24.63 -14.06
C GLY B 422 10.30 -25.22 -14.21
N ALA B 423 9.43 -25.02 -13.22
CA ALA B 423 8.10 -25.64 -13.26
C ALA B 423 7.23 -24.97 -14.29
N ARG B 424 6.31 -25.73 -14.85
CA ARG B 424 5.27 -25.19 -15.69
C ARG B 424 4.05 -25.00 -14.80
N VAL B 425 3.64 -23.75 -14.62
CA VAL B 425 2.62 -23.40 -13.62
C VAL B 425 1.38 -22.80 -14.30
N TYR B 426 0.17 -23.18 -13.83
CA TYR B 426 -1.05 -22.56 -14.32
C TYR B 426 -1.83 -22.11 -13.09
N ALA B 427 -2.33 -20.87 -13.12
CA ALA B 427 -2.99 -20.29 -11.95
C ALA B 427 -4.40 -19.81 -12.28
N TYR B 428 -5.25 -19.78 -11.27
CA TYR B 428 -6.65 -19.41 -11.42
C TYR B 428 -7.14 -18.74 -10.14
N ILE B 429 -8.15 -17.90 -10.30
CA ILE B 429 -8.97 -17.48 -9.16
C ILE B 429 -10.38 -17.94 -9.48
N PHE B 430 -11.03 -18.56 -8.51
CA PHE B 430 -12.36 -19.12 -8.71
C PHE B 430 -13.38 -18.15 -8.12
N GLU B 431 -14.35 -17.72 -8.94
CA GLU B 431 -15.22 -16.58 -8.63
C GLU B 431 -16.70 -16.83 -8.68
N HIS B 432 -17.12 -18.08 -8.88
CA HIS B 432 -18.54 -18.39 -8.91
C HIS B 432 -19.05 -18.89 -7.56
N ARG B 433 -20.11 -18.26 -7.06
CA ARG B 433 -20.77 -18.67 -5.83
C ARG B 433 -21.92 -19.62 -6.18
N ALA B 434 -21.88 -20.83 -5.62
CA ALA B 434 -22.90 -21.83 -5.90
C ALA B 434 -24.26 -21.27 -5.58
N SER B 435 -25.23 -21.49 -6.48
CA SER B 435 -26.61 -21.08 -6.25
C SER B 435 -27.23 -21.73 -5.01
N THR B 436 -26.73 -22.92 -4.67
CA THR B 436 -27.22 -23.73 -3.56
C THR B 436 -26.63 -23.37 -2.18
N LEU B 437 -25.66 -22.46 -2.14
CA LEU B 437 -24.93 -22.15 -0.90
C LEU B 437 -25.85 -21.66 0.24
N THR B 438 -25.60 -22.15 1.46
CA THR B 438 -26.45 -21.85 2.65
C THR B 438 -25.80 -20.86 3.63
N TRP B 439 -24.54 -20.54 3.38
CA TRP B 439 -23.86 -19.45 4.06
C TRP B 439 -24.38 -18.14 3.49
N PRO B 440 -24.32 -17.04 4.27
CA PRO B 440 -24.89 -15.76 3.84
C PRO B 440 -24.12 -15.12 2.70
N LEU B 441 -24.75 -14.16 2.02
CA LEU B 441 -24.17 -13.53 0.85
C LEU B 441 -22.85 -12.84 1.16
N TRP B 442 -22.71 -12.32 2.38
CA TRP B 442 -21.52 -11.53 2.71
C TRP B 442 -20.22 -12.34 2.64
N MET B 443 -20.31 -13.65 2.85
CA MET B 443 -19.12 -14.51 2.82
C MET B 443 -18.61 -14.75 1.41
N GLY B 444 -19.44 -14.42 0.41
CA GLY B 444 -19.03 -14.46 -0.99
C GLY B 444 -18.86 -15.87 -1.55
N VAL B 445 -17.68 -16.14 -2.11
CA VAL B 445 -17.32 -17.48 -2.57
C VAL B 445 -16.35 -18.06 -1.56
N PRO B 446 -16.86 -18.80 -0.54
CA PRO B 446 -16.00 -19.18 0.57
C PRO B 446 -15.06 -20.32 0.26
N HIS B 447 -14.03 -20.42 1.08
CA HIS B 447 -13.07 -21.51 1.10
C HIS B 447 -13.76 -22.90 1.05
N GLY B 448 -13.44 -23.67 0.02
CA GLY B 448 -13.99 -25.01 -0.14
C GLY B 448 -15.05 -25.14 -1.22
N TYR B 449 -15.64 -24.03 -1.65
CA TYR B 449 -16.86 -24.12 -2.47
C TYR B 449 -16.66 -24.16 -3.99
N GLU B 450 -15.42 -24.39 -4.40
CA GLU B 450 -15.11 -24.76 -5.79
C GLU B 450 -15.11 -26.28 -6.03
N ILE B 451 -14.93 -27.06 -4.96
CA ILE B 451 -14.65 -28.48 -5.05
C ILE B 451 -15.79 -29.23 -5.71
N GLU B 452 -17.01 -28.93 -5.27
CA GLU B 452 -18.21 -29.52 -5.87
C GLU B 452 -18.35 -29.35 -7.38
N PHE B 453 -17.80 -28.27 -7.93
CA PHE B 453 -17.82 -28.02 -9.37
C PHE B 453 -16.78 -28.85 -10.11
N ILE B 454 -15.58 -28.92 -9.55
CA ILE B 454 -14.47 -29.71 -10.11
C ILE B 454 -14.82 -31.19 -10.10
N PHE B 455 -15.52 -31.63 -9.04
CA PHE B 455 -15.97 -33.03 -8.96
C PHE B 455 -17.21 -33.30 -9.80
N GLY B 456 -17.89 -32.26 -10.26
CA GLY B 456 -18.99 -32.41 -11.22
C GLY B 456 -20.35 -32.68 -10.61
N LEU B 457 -20.54 -32.31 -9.35
CA LEU B 457 -21.83 -32.54 -8.67
C LEU B 457 -23.04 -31.87 -9.35
N PRO B 458 -22.87 -30.67 -9.92
CA PRO B 458 -23.96 -30.06 -10.72
C PRO B 458 -24.54 -30.91 -11.85
N LEU B 459 -23.82 -31.95 -12.27
CA LEU B 459 -24.33 -32.88 -13.29
C LEU B 459 -25.45 -33.80 -12.75
N ASP B 460 -25.53 -33.95 -11.43
CA ASP B 460 -26.63 -34.67 -10.77
C ASP B 460 -27.84 -33.74 -10.69
N PRO B 461 -28.88 -34.02 -11.49
CA PRO B 461 -29.97 -33.05 -11.59
C PRO B 461 -30.81 -32.95 -10.30
N SER B 462 -30.79 -34.00 -9.48
CA SER B 462 -31.46 -33.96 -8.17
C SER B 462 -30.87 -32.97 -7.17
N LEU B 463 -29.72 -32.36 -7.50
CA LEU B 463 -29.04 -31.48 -6.56
C LEU B 463 -29.41 -30.00 -6.73
N ASN B 464 -30.25 -29.70 -7.71
CA ASN B 464 -30.85 -28.36 -7.87
C ASN B 464 -29.89 -27.23 -8.29
N TYR B 465 -28.79 -27.59 -8.94
CA TYR B 465 -27.91 -26.57 -9.55
C TYR B 465 -28.57 -26.10 -10.82
N THR B 466 -28.20 -24.92 -11.28
CA THR B 466 -28.74 -24.37 -12.51
C THR B 466 -28.07 -25.02 -13.71
N THR B 467 -28.63 -24.77 -14.88
CA THR B 467 -28.10 -25.28 -16.14
C THR B 467 -26.72 -24.69 -16.44
N GLU B 468 -26.52 -23.43 -16.06
CA GLU B 468 -25.25 -22.74 -16.28
C GLU B 468 -24.15 -23.36 -15.43
N GLU B 469 -24.50 -23.75 -14.22
CA GLU B 469 -23.55 -24.39 -13.31
C GLU B 469 -23.13 -25.79 -13.77
N ARG B 470 -24.03 -26.50 -14.43
CA ARG B 470 -23.74 -27.80 -14.98
C ARG B 470 -22.75 -27.68 -16.12
N ILE B 471 -22.99 -26.70 -16.98
CA ILE B 471 -22.09 -26.36 -18.11
C ILE B 471 -20.74 -25.90 -17.58
N PHE B 472 -20.76 -25.12 -16.50
CA PHE B 472 -19.56 -24.62 -15.86
C PHE B 472 -18.74 -25.77 -15.23
N ALA B 473 -19.39 -26.60 -14.42
CA ALA B 473 -18.78 -27.81 -13.88
C ALA B 473 -18.15 -28.67 -14.98
N GLN B 474 -18.85 -28.83 -16.10
CA GLN B 474 -18.32 -29.61 -17.23
C GLN B 474 -17.02 -28.99 -17.77
N ARG B 475 -16.93 -27.66 -17.75
CA ARG B 475 -15.72 -26.96 -18.19
C ARG B 475 -14.58 -27.21 -17.23
N LEU B 476 -14.85 -27.11 -15.94
CA LEU B 476 -13.82 -27.31 -14.94
C LEU B 476 -13.29 -28.74 -14.92
N MET B 477 -14.20 -29.71 -14.99
CA MET B 477 -13.83 -31.11 -15.11
C MET B 477 -12.88 -31.35 -16.30
N LYS B 478 -13.11 -30.66 -17.41
CA LYS B 478 -12.23 -30.75 -18.58
C LYS B 478 -10.84 -30.15 -18.32
N TYR B 479 -10.80 -28.98 -17.70
CA TYR B 479 -9.51 -28.33 -17.41
C TYR B 479 -8.66 -29.25 -16.55
N TRP B 480 -9.25 -29.72 -15.47
CA TRP B 480 -8.56 -30.59 -14.50
C TRP B 480 -8.10 -31.89 -15.13
N THR B 481 -8.95 -32.51 -15.95
CA THR B 481 -8.60 -33.80 -16.55
C THR B 481 -7.68 -33.62 -17.77
N ASN B 482 -7.78 -32.48 -18.45
CA ASN B 482 -6.81 -32.15 -19.50
C ASN B 482 -5.45 -31.95 -18.90
N PHE B 483 -5.41 -31.28 -17.76
CA PHE B 483 -4.18 -31.10 -17.01
C PHE B 483 -3.60 -32.47 -16.59
N ALA B 484 -4.45 -33.34 -16.04
CA ALA B 484 -4.06 -34.70 -15.68
C ALA B 484 -3.48 -35.43 -16.89
N ARG B 485 -4.14 -35.32 -18.03
CA ARG B 485 -3.71 -36.04 -19.23
C ARG B 485 -2.37 -35.53 -19.74
N THR B 486 -2.16 -34.21 -19.73
CA THR B 486 -1.05 -33.58 -20.47
C THR B 486 -0.21 -32.51 -19.73
N GLY B 487 -0.57 -32.16 -18.50
CA GLY B 487 0.10 -31.06 -17.80
C GLY B 487 -0.25 -29.70 -18.34
N ASP B 488 -1.35 -29.62 -19.09
CA ASP B 488 -1.84 -28.39 -19.68
C ASP B 488 -3.37 -28.42 -19.66
N PRO B 489 -4.02 -27.45 -18.98
CA PRO B 489 -5.48 -27.49 -18.87
C PRO B 489 -6.23 -27.13 -20.13
N ASN B 490 -5.54 -26.60 -21.14
CA ASN B 490 -6.18 -26.29 -22.41
C ASN B 490 -6.50 -27.54 -23.21
N ASP B 491 -7.52 -27.43 -24.05
CA ASP B 491 -7.88 -28.50 -24.98
C ASP B 491 -6.81 -28.65 -26.07
N PRO B 492 -6.31 -29.89 -26.30
CA PRO B 492 -5.34 -30.12 -27.40
C PRO B 492 -5.90 -29.91 -28.82
N ARG B 493 -7.11 -30.43 -29.09
CA ARG B 493 -7.97 -29.96 -30.21
C ARG B 493 -9.22 -29.37 -29.54
N ASP B 494 -9.82 -28.32 -30.13
CA ASP B 494 -10.58 -27.38 -29.26
C ASP B 494 -11.69 -26.47 -29.83
N SER B 495 -12.28 -25.69 -28.91
CA SER B 495 -13.15 -24.54 -29.20
C SER B 495 -12.30 -23.31 -29.57
N LYS B 496 -11.36 -22.96 -28.66
CA LYS B 496 -10.09 -22.25 -28.96
C LYS B 496 -9.74 -20.97 -28.18
N SER B 497 -10.24 -19.83 -28.69
CA SER B 497 -9.51 -18.55 -28.62
C SER B 497 -9.49 -17.67 -27.35
N PRO B 498 -9.93 -18.19 -26.17
CA PRO B 498 -9.34 -17.72 -24.91
C PRO B 498 -8.51 -18.86 -24.29
N GLN B 499 -7.20 -18.88 -24.55
CA GLN B 499 -6.30 -19.91 -24.03
C GLN B 499 -5.84 -19.53 -22.61
N TRP B 500 -5.74 -20.53 -21.75
CA TRP B 500 -5.21 -20.36 -20.38
C TRP B 500 -3.68 -20.36 -20.43
N PRO B 501 -3.05 -19.19 -20.20
CA PRO B 501 -1.61 -19.14 -20.35
C PRO B 501 -0.85 -19.55 -19.08
N PRO B 502 0.36 -20.09 -19.23
CA PRO B 502 1.13 -20.39 -18.03
C PRO B 502 1.41 -19.14 -17.17
N TYR B 503 1.45 -19.35 -15.86
CA TYR B 503 1.87 -18.35 -14.90
C TYR B 503 3.37 -18.27 -14.94
N THR B 504 3.88 -17.07 -15.18
CA THR B 504 5.30 -16.78 -15.17
C THR B 504 5.57 -15.64 -14.18
N THR B 505 6.81 -15.52 -13.73
CA THR B 505 7.15 -14.50 -12.74
C THR B 505 7.14 -13.09 -13.34
N ALA B 506 7.41 -12.96 -14.64
CA ALA B 506 7.32 -11.68 -15.33
C ALA B 506 5.87 -11.23 -15.54
N ALA B 507 5.08 -12.03 -16.25
CA ALA B 507 3.73 -11.61 -16.67
C ALA B 507 2.71 -11.85 -15.59
N GLN B 508 2.92 -12.87 -14.75
CA GLN B 508 2.01 -13.21 -13.63
C GLN B 508 0.57 -13.42 -14.08
N GLN B 509 0.43 -14.07 -15.24
CA GLN B 509 -0.90 -14.34 -15.79
C GLN B 509 -1.61 -15.49 -15.09
N TYR B 510 -2.88 -15.27 -14.79
CA TYR B 510 -3.78 -16.27 -14.26
C TYR B 510 -5.17 -16.02 -14.88
N VAL B 511 -6.12 -16.92 -14.64
CA VAL B 511 -7.46 -16.80 -15.26
C VAL B 511 -8.56 -16.77 -14.21
N SER B 512 -9.64 -16.09 -14.54
CA SER B 512 -10.86 -16.17 -13.71
C SER B 512 -11.69 -17.37 -14.13
N LEU B 513 -12.02 -18.21 -13.14
CA LEU B 513 -12.94 -19.31 -13.34
C LEU B 513 -14.32 -18.88 -12.83
N ASN B 514 -15.21 -18.56 -13.76
CA ASN B 514 -16.58 -18.15 -13.44
C ASN B 514 -17.50 -18.54 -14.59
N LEU B 515 -18.77 -18.11 -14.56
CA LEU B 515 -19.73 -18.53 -15.58
C LEU B 515 -19.45 -17.93 -16.95
N LYS B 516 -18.65 -16.86 -16.99
CA LYS B 516 -18.23 -16.24 -18.24
C LYS B 516 -17.00 -16.96 -18.79
N PRO B 517 -16.73 -16.83 -20.09
CA PRO B 517 -15.50 -17.43 -20.66
C PRO B 517 -14.23 -16.98 -19.95
N LEU B 518 -13.16 -17.79 -20.01
CA LEU B 518 -11.88 -17.46 -19.38
C LEU B 518 -11.47 -16.03 -19.69
N GLU B 519 -11.06 -15.32 -18.66
CA GLU B 519 -10.46 -14.00 -18.75
C GLU B 519 -9.05 -14.11 -18.17
N VAL B 520 -8.05 -13.60 -18.89
CA VAL B 520 -6.69 -13.58 -18.42
C VAL B 520 -6.46 -12.29 -17.65
N ARG B 521 -5.91 -12.41 -16.45
CA ARG B 521 -5.52 -11.26 -15.64
C ARG B 521 -4.05 -11.38 -15.30
N ARG B 522 -3.47 -10.30 -14.81
CA ARG B 522 -2.06 -10.29 -14.45
C ARG B 522 -1.88 -9.79 -13.03
N GLY B 523 -1.17 -10.55 -12.22
CA GLY B 523 -0.80 -10.14 -10.87
C GLY B 523 -1.81 -10.60 -9.85
N LEU B 524 -1.46 -11.61 -9.09
CA LEU B 524 -2.34 -12.22 -8.10
C LEU B 524 -2.19 -11.38 -6.85
N ARG B 525 -3.00 -10.34 -6.69
CA ARG B 525 -2.88 -9.45 -5.55
C ARG B 525 -1.44 -8.95 -5.34
N ALA B 526 -0.81 -8.45 -6.40
CA ALA B 526 0.63 -8.26 -6.40
C ALA B 526 1.11 -7.28 -5.33
N GLN B 527 0.44 -6.13 -5.18
CA GLN B 527 0.92 -5.11 -4.22
C GLN B 527 0.73 -5.61 -2.79
N THR B 528 -0.43 -6.18 -2.52
CA THR B 528 -0.73 -6.69 -1.20
C THR B 528 0.13 -7.87 -0.84
N CYS B 529 0.43 -8.74 -1.80
CA CYS B 529 1.26 -9.89 -1.45
C CYS B 529 2.72 -9.48 -1.26
N ALA B 530 3.14 -8.40 -1.91
CA ALA B 530 4.47 -7.80 -1.62
C ALA B 530 4.54 -7.33 -0.17
N PHE B 531 3.42 -6.81 0.35
CA PHE B 531 3.37 -6.42 1.75
C PHE B 531 3.61 -7.64 2.65
N TRP B 532 2.86 -8.72 2.41
CA TRP B 532 2.94 -9.91 3.25
C TRP B 532 4.23 -10.68 3.05
N ASN B 533 4.69 -10.79 1.81
CA ASN B 533 5.84 -11.65 1.48
C ASN B 533 7.18 -10.98 1.55
N ARG B 534 7.22 -9.67 1.38
CA ARG B 534 8.49 -8.96 1.35
C ARG B 534 8.68 -8.00 2.48
N PHE B 535 7.62 -7.26 2.83
CA PHE B 535 7.76 -6.27 3.87
C PHE B 535 7.69 -6.86 5.28
N LEU B 536 6.64 -7.61 5.58
CA LEU B 536 6.46 -8.07 6.95
C LEU B 536 7.60 -8.98 7.45
N PRO B 537 8.12 -9.87 6.61
CA PRO B 537 9.36 -10.60 6.94
C PRO B 537 10.54 -9.68 7.31
N LYS B 538 10.78 -8.64 6.50
CA LYS B 538 11.80 -7.64 6.81
C LYS B 538 11.53 -6.91 8.10
N LEU B 539 10.25 -6.73 8.43
CA LEU B 539 9.88 -5.98 9.62
C LEU B 539 10.29 -6.74 10.86
N LEU B 540 9.74 -7.94 11.04
CA LEU B 540 9.93 -8.65 12.30
C LEU B 540 11.32 -9.32 12.42
N SER B 541 12.07 -9.42 11.32
CA SER B 541 13.47 -9.86 11.36
C SER B 541 14.46 -8.70 11.62
N ALA B 542 13.96 -7.48 11.72
CA ALA B 542 14.74 -6.33 12.14
C ALA B 542 14.03 -5.70 13.35
N THR B 543 12.94 -4.97 13.07
CA THR B 543 11.92 -4.52 14.07
C THR B 543 12.21 -3.12 14.71
C1 NAG C . 20.58 10.72 -18.66
C2 NAG C . 21.32 9.38 -18.85
C3 NAG C . 22.03 8.93 -17.56
C4 NAG C . 22.92 10.04 -17.00
C5 NAG C . 22.17 11.37 -16.98
C6 NAG C . 23.04 12.56 -16.55
C7 NAG C . 20.77 7.70 -20.54
C8 NAG C . 20.72 6.21 -20.52
N2 NAG C . 20.45 8.32 -19.39
O3 NAG C . 22.83 7.78 -17.75
O4 NAG C . 23.20 9.71 -15.65
O5 NAG C . 21.55 11.67 -18.23
O6 NAG C . 24.38 12.39 -16.92
O7 NAG C . 21.08 8.31 -21.57
C1 NAG C . 24.42 8.99 -15.39
C2 NAG C . 24.89 9.35 -13.97
C3 NAG C . 26.09 8.53 -13.51
C4 NAG C . 26.08 7.06 -13.97
C5 NAG C . 25.50 6.88 -15.39
C6 NAG C . 25.33 5.41 -15.78
C7 NAG C . 24.61 11.61 -13.03
C8 NAG C . 25.50 12.35 -12.06
N2 NAG C . 25.21 10.78 -13.87
O3 NAG C . 26.16 8.59 -12.10
O4 NAG C . 27.39 6.54 -13.93
O5 NAG C . 24.27 7.58 -15.50
O6 NAG C . 24.38 4.72 -14.99
O7 NAG C . 23.38 11.81 -13.03
C1 FUC D . 24.07 14.51 -19.12
C2 FUC D . 25.49 13.97 -19.30
C3 FUC D . 25.45 12.54 -19.81
C4 FUC D . 24.56 12.42 -21.04
C5 FUC D . 23.19 13.01 -20.73
C6 FUC D . 22.25 12.91 -21.92
O2 FUC D . 26.19 14.04 -18.08
O3 FUC D . 26.76 12.08 -20.07
O4 FUC D . 25.14 13.10 -22.13
O5 FUC D . 23.33 14.36 -20.33
C1 NAG E . 7.04 34.48 -29.06
C2 NAG E . 8.58 34.63 -28.89
C3 NAG E . 9.17 35.55 -29.98
C4 NAG E . 8.67 35.10 -31.35
C5 NAG E . 7.14 35.23 -31.33
C6 NAG E . 6.42 35.19 -32.69
C7 NAG E . 8.90 34.38 -26.46
C8 NAG E . 8.72 35.09 -25.14
N2 NAG E . 8.90 35.15 -27.56
O3 NAG E . 10.59 35.60 -29.91
O4 NAG E . 9.27 35.83 -32.41
O5 NAG E . 6.66 34.24 -30.42
O6 NAG E . 6.85 34.14 -33.53
O7 NAG E . 9.06 33.15 -26.48
O13 SCK F . 16.70 25.13 -7.44
C12 SCK F . 15.50 24.88 -7.51
O14 SCK F . 14.61 25.85 -8.10
C15 SCK F . 13.48 26.29 -7.37
C16 SCK F . 12.44 26.83 -8.33
N17 SCK F . 11.19 27.06 -7.59
C20 SCK F . 11.29 28.30 -6.82
C19 SCK F . 10.08 27.16 -8.54
C18 SCK F . 10.98 25.93 -6.68
C11 SCK F . 14.97 23.58 -6.97
C6 SCK F . 16.14 22.63 -6.75
C5 SCK F . 16.80 23.00 -5.44
O7 SCK F . 16.14 23.21 -4.45
O4 SCK F . 18.24 23.10 -5.37
C3 SCK F . 18.90 22.78 -4.14
C2 SCK F . 20.31 22.30 -4.44
N1 SCK F . 21.20 23.45 -4.59
C8 SCK F . 20.97 24.36 -3.46
C9 SCK F . 22.59 23.02 -4.59
C10 SCK F . 20.90 24.13 -5.84
O13 SCU G . 14.33 24.77 -4.45
C12 SCU G . 13.35 25.43 -4.77
C11 SCU G . 11.96 25.12 -4.26
C6 SCU G . 11.83 24.97 -2.76
C5 SCU G . 10.67 25.87 -2.39
O4 SCU G . 10.93 27.00 -1.98
O14 SCU G . 13.52 26.52 -5.72
C15 SCU G . 13.44 26.22 -7.12
C16 SCU G . 12.53 27.09 -8.00
N17 SCU G . 11.17 27.27 -7.49
C20 SCU G . 11.15 28.51 -6.69
C19 SCU G . 10.20 27.41 -8.59
C18 SCU G . 10.71 26.11 -6.74
O1 P6G H . -3.51 -0.25 0.52
C2 P6G H . -2.14 0.17 0.33
C3 P6G H . -1.02 0.46 1.36
O4 P6G H . -0.94 1.92 1.92
C5 P6G H . -1.94 2.30 2.89
C6 P6G H . -1.20 2.46 4.10
O7 P6G H . 0.01 1.52 4.29
C8 P6G H . 0.59 1.59 5.61
C9 P6G H . 1.33 0.27 5.91
O10 P6G H . 2.38 -0.24 4.81
C11 P6G H . 3.59 -0.75 5.36
C12 P6G H . 4.62 -0.82 4.36
O13 P6G H . 4.23 -1.33 2.92
C14 P6G H . 5.34 -1.91 2.15
C15 P6G H . 4.92 -2.74 1.04
O16 P6G H . 3.59 -2.27 0.35
C17 P6G H . 3.35 -2.64 -1.02
C18 P6G H . 1.97 -2.45 -1.25
O19 P6G H . 1.39 -0.96 -1.24
C1 NAG I . -24.26 -10.37 14.80
C2 NAG I . -24.21 -9.28 15.88
C3 NAG I . -23.11 -9.61 16.91
C4 NAG I . -23.43 -10.93 17.59
C5 NAG I . -23.57 -12.03 16.53
C6 NAG I . -24.02 -13.39 17.12
C7 NAG I . -24.97 -7.02 15.15
C8 NAG I . -24.57 -5.56 15.22
N2 NAG I . -24.00 -7.92 15.36
O3 NAG I . -22.94 -8.57 17.88
O4 NAG I . -22.46 -11.27 18.57
O5 NAG I . -24.44 -11.64 15.45
O6 NAG I . -25.16 -13.34 17.97
O7 NAG I . -26.15 -7.31 14.89
O13 SCK J . -15.11 -25.19 10.43
C12 SCK J . -14.32 -25.12 9.48
O14 SCK J . -14.31 -26.23 8.54
C15 SCK J . -14.86 -26.11 7.22
C16 SCK J . -14.38 -27.27 6.35
N17 SCK J . -13.81 -26.87 5.04
C20 SCK J . -13.20 -28.05 4.41
C19 SCK J . -14.87 -26.32 4.19
C18 SCK J . -12.79 -25.83 5.16
C11 SCK J . -13.40 -23.91 9.30
C6 SCK J . -13.08 -23.20 10.61
C5 SCK J . -12.02 -23.92 11.40
O7 SCK J . -10.97 -24.23 10.88
O4 SCK J . -12.25 -24.21 12.81
C3 SCK J . -11.32 -24.98 13.57
C2 SCK J . -11.35 -24.53 15.04
N1 SCK J . -12.32 -25.27 15.85
C8 SCK J . -13.65 -25.27 15.23
C9 SCK J . -11.86 -26.65 16.00
C10 SCK J . -12.40 -24.68 17.20
O13 SCU K . -10.35 -25.54 8.78
C12 SCU K . -10.81 -25.85 7.69
C11 SCU K . -10.00 -25.98 6.43
C6 SCU K . -8.51 -25.72 6.58
C5 SCU K . -7.94 -26.24 5.31
O4 SCU K . -7.61 -27.42 5.35
O14 SCU K . -12.24 -26.09 7.61
C15 SCU K . -12.99 -25.71 6.43
C16 SCU K . -13.58 -26.97 5.77
N17 SCU K . -13.16 -27.23 4.37
C20 SCU K . -13.15 -28.68 4.14
C19 SCU K . -14.11 -26.58 3.46
C18 SCU K . -11.81 -26.75 4.02
#